data_7Y3S
#
_entry.id   7Y3S
#
_cell.length_a   71.897
_cell.length_b   92.017
_cell.length_c   87.326
_cell.angle_alpha   90.000
_cell.angle_beta   108.160
_cell.angle_gamma   90.000
#
_symmetry.space_group_name_H-M   'P 1 21 1'
#
loop_
_entity.id
_entity.type
_entity.pdbx_description
1 polymer 'Bifunctional glutamate/proline--tRNA ligase'
2 non-polymer 1-(6-bromanyl-7-methyl-imidazo[4,5-b]pyridin-3-yl)-3-[(2R,3S)-3-oxidanylpiperidin-2-yl]propan-2-one
3 non-polymer "ADENOSINE-5'-TRIPHOSPHATE"
4 non-polymer 'MAGNESIUM ION'
5 non-polymer 'ZINC ION'
6 water water
#
_entity_poly.entity_id   1
_entity_poly.type   'polypeptide(L)'
_entity_poly.pdbx_seq_one_letter_code
;GLEAKKEENLADWYSQVITKSEMIEYHDISGCYILRPWAYAIWEAIKDFFDAEIKKLGVENCYFPMFVSQSALEKEKTHV
ADFAPEVAWVTRSGKTELAEPIAIRPTSETVMYPAYAKWVQSHRDLPIKLNQWCNVVRWEFKHPQPFLRTREFLWQEGHS
AFATMEEAAEEVLQILDLYAQVYEELLAIPVVKGRKTEKEKFAGGDYTTTIEAFISASGRAIQGGTSHHLGQNFSKMFEI
VFEDPKIPGEKQFAYQNSWGLTTRTIGVMTMVHGDNMGLVLPPRVACVQVVIIPCGITNALSEEDKEALIAKCNDYRRRL
LSVNIRVRADLRDNYSPGWKFNHWELKGVPIRLEVGPRDMKSCQFVAVRRDTGEKLTVAENEAETKLQAILEDIQVTLFT
RASEDLKTHMVVANTMEDFQKILDSGKIVQIPFCGEIDCEDWIKKTTARDQDLEPGAPSMGAKSLCIPFKPLCELQPGAK
CVCGKNPAKYYTLFGRSY
;
_entity_poly.pdbx_strand_id   A,B
#
# COMPACT_ATOMS: atom_id res chain seq x y z
N LEU A 2 -27.43 -16.67 4.57
CA LEU A 2 -28.18 -15.74 3.72
C LEU A 2 -29.68 -15.96 3.82
N GLU A 3 -30.40 -14.89 4.17
CA GLU A 3 -31.85 -14.95 4.32
C GLU A 3 -32.59 -14.09 3.31
N ALA A 4 -32.08 -12.90 2.99
CA ALA A 4 -32.70 -12.11 1.95
C ALA A 4 -32.36 -12.70 0.59
N LYS A 5 -33.14 -12.30 -0.41
CA LYS A 5 -32.98 -12.82 -1.76
C LYS A 5 -32.73 -11.67 -2.71
N LYS A 6 -31.69 -11.82 -3.53
CA LYS A 6 -31.11 -10.70 -4.27
C LYS A 6 -32.11 -10.09 -5.24
N GLU A 7 -33.12 -10.84 -5.65
CA GLU A 7 -34.10 -10.36 -6.61
C GLU A 7 -35.22 -9.56 -5.96
N GLU A 8 -35.44 -9.70 -4.66
CA GLU A 8 -36.55 -9.05 -3.97
C GLU A 8 -36.12 -7.86 -3.13
N ASN A 9 -35.15 -8.05 -2.23
CA ASN A 9 -34.51 -6.94 -1.54
C ASN A 9 -33.03 -7.00 -1.85
N LEU A 10 -32.56 -6.01 -2.59
CA LEU A 10 -31.18 -5.99 -3.04
C LEU A 10 -30.26 -5.42 -1.96
N ALA A 11 -30.71 -4.38 -1.26
CA ALA A 11 -29.90 -3.78 -0.20
C ALA A 11 -29.58 -4.78 0.89
N ASP A 12 -30.59 -5.50 1.39
CA ASP A 12 -30.35 -6.51 2.42
C ASP A 12 -29.45 -7.63 1.92
N TRP A 13 -29.69 -8.09 0.68
CA TRP A 13 -28.89 -9.17 0.13
C TRP A 13 -27.42 -8.77 0.03
N TYR A 14 -27.16 -7.53 -0.38
CA TYR A 14 -25.78 -7.05 -0.47
C TYR A 14 -25.16 -6.97 0.91
N SER A 15 -25.88 -6.34 1.86
CA SER A 15 -25.46 -6.31 3.26
C SER A 15 -25.14 -7.71 3.79
N GLN A 16 -25.99 -8.69 3.49
CA GLN A 16 -25.80 -10.01 4.07
C GLN A 16 -24.66 -10.76 3.41
N VAL A 17 -24.39 -10.49 2.13
CA VAL A 17 -23.29 -11.21 1.48
C VAL A 17 -21.94 -10.63 1.86
N ILE A 18 -21.84 -9.30 2.01
CA ILE A 18 -20.54 -8.72 2.32
C ILE A 18 -20.14 -9.06 3.75
N THR A 19 -21.12 -9.10 4.67
CA THR A 19 -20.78 -9.40 6.05
C THR A 19 -20.59 -10.90 6.27
N LYS A 20 -21.56 -11.72 5.88
CA LYS A 20 -21.45 -13.16 6.13
C LYS A 20 -20.27 -13.78 5.39
N SER A 21 -19.86 -13.20 4.26
CA SER A 21 -18.63 -13.64 3.61
C SER A 21 -17.38 -13.15 4.34
N GLU A 22 -17.53 -12.41 5.43
CA GLU A 22 -16.40 -11.86 6.19
C GLU A 22 -15.52 -10.97 5.33
N MET A 23 -16.15 -10.24 4.41
CA MET A 23 -15.46 -9.21 3.63
C MET A 23 -15.47 -7.87 4.35
N ILE A 24 -16.62 -7.49 4.89
CA ILE A 24 -16.88 -6.14 5.39
C ILE A 24 -17.25 -6.20 6.87
N GLU A 25 -16.66 -5.31 7.65
CA GLU A 25 -17.16 -5.03 9.00
C GLU A 25 -17.56 -3.57 9.06
N TYR A 26 -18.67 -3.30 9.74
CA TYR A 26 -19.18 -1.94 9.81
C TYR A 26 -18.40 -1.13 10.83
N HIS A 27 -18.40 0.19 10.63
CA HIS A 27 -17.66 1.11 11.47
C HIS A 27 -18.63 2.15 12.01
N ASP A 28 -18.21 2.92 13.01
CA ASP A 28 -19.09 3.90 13.63
C ASP A 28 -18.92 5.29 13.03
N ILE A 29 -18.08 5.45 12.03
CA ILE A 29 -18.04 6.64 11.20
C ILE A 29 -18.85 6.35 9.95
N SER A 30 -19.92 7.13 9.74
CA SER A 30 -20.83 6.89 8.64
C SER A 30 -20.10 6.85 7.31
N GLY A 31 -20.47 5.88 6.47
CA GLY A 31 -19.86 5.72 5.17
C GLY A 31 -18.45 5.16 5.16
N CYS A 32 -17.98 4.65 6.29
CA CYS A 32 -16.67 4.00 6.36
C CYS A 32 -16.85 2.55 6.79
N TYR A 33 -16.08 1.67 6.17
CA TYR A 33 -16.22 0.23 6.38
C TYR A 33 -14.85 -0.40 6.50
N ILE A 34 -14.79 -1.46 7.28
CA ILE A 34 -13.56 -2.21 7.46
C ILE A 34 -13.41 -3.18 6.30
N LEU A 35 -12.20 -3.28 5.76
CA LEU A 35 -11.90 -4.28 4.74
C LEU A 35 -11.16 -5.40 5.46
N ARG A 36 -11.87 -6.49 5.68
CA ARG A 36 -11.32 -7.68 6.29
C ARG A 36 -10.48 -8.42 5.25
N PRO A 37 -9.62 -9.34 5.69
CA PRO A 37 -8.67 -9.95 4.75
C PRO A 37 -9.30 -10.58 3.52
N TRP A 38 -10.53 -11.12 3.63
CA TRP A 38 -11.15 -11.76 2.48
C TRP A 38 -11.42 -10.76 1.35
N ALA A 39 -11.91 -9.57 1.69
CA ALA A 39 -12.11 -8.54 0.67
C ALA A 39 -10.81 -7.88 0.26
N TYR A 40 -9.92 -7.63 1.23
CA TYR A 40 -8.67 -6.94 0.91
C TYR A 40 -7.79 -7.77 0.00
N ALA A 41 -7.86 -9.11 0.10
CA ALA A 41 -7.08 -9.96 -0.78
C ALA A 41 -7.46 -9.75 -2.24
N ILE A 42 -8.75 -9.52 -2.50
CA ILE A 42 -9.19 -9.20 -3.87
C ILE A 42 -8.49 -7.95 -4.37
N TRP A 43 -8.63 -6.86 -3.62
CA TRP A 43 -7.93 -5.62 -3.93
C TRP A 43 -6.46 -5.84 -4.24
N GLU A 44 -5.79 -6.65 -3.41
CA GLU A 44 -4.38 -6.96 -3.64
C GLU A 44 -4.16 -7.63 -4.99
N ALA A 45 -5.09 -8.49 -5.40
CA ALA A 45 -4.97 -9.13 -6.71
C ALA A 45 -5.10 -8.11 -7.83
N ILE A 46 -6.14 -7.28 -7.79
CA ILE A 46 -6.25 -6.14 -8.70
C ILE A 46 -4.96 -5.34 -8.69
N LYS A 47 -4.55 -4.92 -7.48
CA LYS A 47 -3.32 -4.17 -7.30
C LYS A 47 -2.13 -4.86 -7.96
N ASP A 48 -2.01 -6.18 -7.75
CA ASP A 48 -0.86 -6.89 -8.30
C ASP A 48 -0.89 -6.88 -9.82
N PHE A 49 -2.08 -7.00 -10.41
CA PHE A 49 -2.13 -7.02 -11.86
C PHE A 49 -1.86 -5.65 -12.47
N PHE A 50 -2.72 -4.69 -12.14
CA PHE A 50 -2.62 -3.34 -12.70
C PHE A 50 -1.22 -2.77 -12.55
N ASP A 51 -0.68 -2.84 -11.33
CA ASP A 51 0.65 -2.33 -11.04
C ASP A 51 1.69 -2.89 -11.99
N ALA A 52 1.70 -4.22 -12.17
CA ALA A 52 2.60 -4.83 -13.13
C ALA A 52 2.42 -4.22 -14.51
N GLU A 53 1.18 -3.98 -14.91
CA GLU A 53 0.92 -3.52 -16.27
C GLU A 53 1.39 -2.09 -16.49
N ILE A 54 1.16 -1.21 -15.52
CA ILE A 54 1.55 0.18 -15.70
C ILE A 54 3.04 0.38 -15.58
N LYS A 55 3.74 -0.52 -14.89
CA LYS A 55 5.20 -0.47 -14.88
C LYS A 55 5.76 -0.74 -16.28
N LYS A 56 5.12 -1.65 -17.02
CA LYS A 56 5.54 -1.89 -18.40
C LYS A 56 5.45 -0.61 -19.23
N LEU A 57 4.41 0.20 -19.00
CA LEU A 57 4.29 1.49 -19.67
C LEU A 57 5.27 2.54 -19.15
N GLY A 58 6.17 2.16 -18.25
CA GLY A 58 7.13 3.10 -17.70
C GLY A 58 6.62 4.02 -16.61
N VAL A 59 5.48 3.70 -16.00
CA VAL A 59 5.02 4.44 -14.84
C VAL A 59 5.79 3.98 -13.61
N GLU A 60 5.96 4.88 -12.65
CA GLU A 60 6.67 4.63 -11.41
C GLU A 60 5.77 4.96 -10.23
N ASN A 61 5.91 4.18 -9.16
CA ASN A 61 5.08 4.37 -7.97
C ASN A 61 5.78 5.26 -6.96
N CYS A 62 4.99 6.10 -6.30
CA CYS A 62 5.49 7.11 -5.38
C CYS A 62 4.47 7.25 -4.24
N TYR A 63 4.64 8.27 -3.42
CA TYR A 63 3.61 8.63 -2.45
C TYR A 63 3.70 10.11 -2.13
N PHE A 64 2.57 10.79 -2.26
CA PHE A 64 2.44 12.22 -2.02
C PHE A 64 1.66 12.47 -0.74
N PRO A 65 1.84 13.63 -0.10
CA PRO A 65 1.10 13.94 1.12
C PRO A 65 -0.40 13.77 0.95
N MET A 66 -1.05 13.35 2.03
CA MET A 66 -2.51 13.33 2.09
C MET A 66 -3.08 14.71 2.43
N PHE A 67 -2.29 15.55 3.09
CA PHE A 67 -2.74 16.86 3.52
C PHE A 67 -2.56 17.87 2.39
N VAL A 68 -3.60 18.65 2.13
CA VAL A 68 -3.58 19.73 1.15
C VAL A 68 -3.77 21.04 1.91
N SER A 69 -2.80 21.95 1.78
CA SER A 69 -2.97 23.25 2.38
C SER A 69 -4.18 23.95 1.78
N GLN A 70 -4.71 24.93 2.53
CA GLN A 70 -5.91 25.61 2.06
C GLN A 70 -5.62 26.45 0.83
N SER A 71 -4.47 27.13 0.80
CA SER A 71 -4.15 27.99 -0.34
C SER A 71 -3.77 27.16 -1.56
N ALA A 72 -3.11 26.02 -1.37
CA ALA A 72 -2.80 25.16 -2.51
C ALA A 72 -4.08 24.64 -3.18
N LEU A 73 -5.00 24.10 -2.38
CA LEU A 73 -6.22 23.54 -2.95
C LEU A 73 -7.09 24.60 -3.62
N GLU A 74 -7.04 25.83 -3.14
CA GLU A 74 -7.83 26.91 -3.73
C GLU A 74 -7.06 27.70 -4.78
N LYS A 75 -5.79 27.38 -5.03
CA LYS A 75 -4.96 28.25 -5.86
C LYS A 75 -5.43 28.30 -7.30
N GLU A 76 -5.82 27.16 -7.87
CA GLU A 76 -6.17 27.07 -9.28
C GLU A 76 -7.62 26.60 -9.45
N LYS A 77 -8.12 26.74 -10.69
CA LYS A 77 -9.46 26.30 -11.09
C LYS A 77 -9.41 24.80 -11.41
N THR A 78 -8.95 24.03 -10.44
CA THR A 78 -8.63 22.63 -10.63
C THR A 78 -9.85 21.72 -10.53
N HIS A 79 -10.92 22.21 -9.92
CA HIS A 79 -12.14 21.44 -9.71
C HIS A 79 -13.27 22.43 -9.51
N VAL A 80 -14.46 22.05 -9.95
CA VAL A 80 -15.61 22.94 -9.87
C VAL A 80 -16.03 23.07 -8.41
N ALA A 81 -16.59 24.22 -8.08
CA ALA A 81 -16.89 24.69 -6.74
C ALA A 81 -18.07 23.98 -6.14
N ASP A 82 -18.46 22.96 -6.89
CA ASP A 82 -19.51 22.03 -6.50
C ASP A 82 -18.95 20.75 -5.91
N PHE A 83 -17.63 20.56 -5.95
CA PHE A 83 -16.94 19.53 -5.18
C PHE A 83 -16.58 19.99 -3.77
N ALA A 84 -16.54 21.30 -3.53
CA ALA A 84 -16.03 21.81 -2.26
C ALA A 84 -16.74 21.24 -1.02
N PRO A 85 -18.05 21.01 -1.02
CA PRO A 85 -18.68 20.37 0.17
C PRO A 85 -18.20 18.95 0.44
N GLU A 86 -17.54 18.27 -0.50
CA GLU A 86 -17.07 16.92 -0.24
C GLU A 86 -15.69 16.87 0.41
N VAL A 87 -15.12 18.02 0.77
CA VAL A 87 -13.73 18.13 1.18
C VAL A 87 -13.67 18.22 2.71
N ALA A 88 -12.93 17.30 3.33
CA ALA A 88 -12.86 17.19 4.79
C ALA A 88 -11.65 17.96 5.33
N TRP A 89 -11.91 18.82 6.32
CA TRP A 89 -10.92 19.79 6.80
C TRP A 89 -10.45 19.45 8.21
N VAL A 90 -9.15 19.16 8.35
CA VAL A 90 -8.48 19.21 9.65
C VAL A 90 -8.42 20.65 10.12
N THR A 91 -8.97 20.92 11.31
CA THR A 91 -8.98 22.29 11.83
C THR A 91 -8.28 22.47 13.17
N ARG A 92 -7.87 21.39 13.85
CA ARG A 92 -7.17 21.53 15.12
C ARG A 92 -6.41 20.26 15.43
N SER A 93 -5.28 20.42 16.14
CA SER A 93 -4.53 19.31 16.68
C SER A 93 -4.62 19.38 18.20
N GLY A 94 -5.03 18.27 18.81
CA GLY A 94 -5.51 18.36 20.18
C GLY A 94 -6.71 19.28 20.19
N LYS A 95 -6.71 20.22 21.14
CA LYS A 95 -7.70 21.31 21.14
C LYS A 95 -7.08 22.63 20.70
N THR A 96 -5.92 22.59 20.07
CA THR A 96 -5.22 23.79 19.62
C THR A 96 -5.57 24.05 18.16
N GLU A 97 -6.32 25.12 17.91
CA GLU A 97 -6.75 25.43 16.55
C GLU A 97 -5.56 25.76 15.67
N LEU A 98 -5.50 25.13 14.50
CA LEU A 98 -4.49 25.45 13.51
C LEU A 98 -4.69 26.87 12.99
N ALA A 99 -3.58 27.54 12.67
CA ALA A 99 -3.67 28.86 12.07
C ALA A 99 -4.41 28.82 10.75
N GLU A 100 -4.09 27.84 9.90
CA GLU A 100 -4.87 27.61 8.70
C GLU A 100 -5.35 26.17 8.64
N PRO A 101 -6.57 25.94 8.19
CA PRO A 101 -7.08 24.56 8.11
C PRO A 101 -6.46 23.80 6.95
N ILE A 102 -6.32 22.51 7.15
CA ILE A 102 -5.67 21.60 6.21
C ILE A 102 -6.72 20.66 5.63
N ALA A 103 -6.68 20.44 4.32
CA ALA A 103 -7.61 19.54 3.67
C ALA A 103 -7.03 18.12 3.56
N ILE A 104 -7.90 17.13 3.65
CA ILE A 104 -7.56 15.74 3.40
C ILE A 104 -7.76 15.45 1.92
N ARG A 105 -6.72 14.92 1.27
CA ARG A 105 -6.69 14.64 -0.15
C ARG A 105 -7.98 13.98 -0.64
N PRO A 106 -8.76 14.65 -1.52
CA PRO A 106 -9.82 13.92 -2.24
C PRO A 106 -9.40 13.43 -3.62
N THR A 107 -8.24 13.91 -4.08
CA THR A 107 -7.60 13.62 -5.36
C THR A 107 -6.30 14.40 -5.24
N SER A 108 -5.26 14.13 -6.03
CA SER A 108 -3.96 14.68 -5.67
C SER A 108 -3.42 15.73 -6.64
N GLU A 109 -4.24 16.26 -7.55
CA GLU A 109 -3.72 17.22 -8.53
C GLU A 109 -3.09 18.44 -7.86
N THR A 110 -3.77 19.02 -6.86
CA THR A 110 -3.30 20.25 -6.21
C THR A 110 -2.04 20.04 -5.38
N VAL A 111 -1.61 18.80 -5.21
CA VAL A 111 -0.42 18.50 -4.42
C VAL A 111 0.73 18.02 -5.30
N MET A 112 0.48 17.26 -6.36
CA MET A 112 1.57 16.86 -7.23
C MET A 112 1.86 17.84 -8.35
N TYR A 113 0.87 18.56 -8.86
CA TYR A 113 1.14 19.46 -9.97
C TYR A 113 2.06 20.64 -9.61
N PRO A 114 2.07 21.14 -8.36
CA PRO A 114 3.16 22.03 -7.98
C PRO A 114 4.53 21.36 -8.07
N ALA A 115 4.60 20.07 -7.71
CA ALA A 115 5.88 19.37 -7.77
C ALA A 115 6.32 19.13 -9.21
N TYR A 116 5.36 18.80 -10.09
CA TYR A 116 5.69 18.64 -11.51
C TYR A 116 6.23 19.94 -12.09
N ALA A 117 5.62 21.07 -11.72
CA ALA A 117 6.07 22.37 -12.22
C ALA A 117 7.54 22.60 -11.89
N LYS A 118 7.95 22.26 -10.66
CA LYS A 118 9.33 22.45 -10.25
C LYS A 118 10.26 21.43 -10.90
N TRP A 119 9.75 20.25 -11.26
CA TRP A 119 10.62 19.21 -11.80
C TRP A 119 10.85 19.39 -13.28
N VAL A 120 9.93 20.02 -14.00
CA VAL A 120 10.02 20.20 -15.44
C VAL A 120 10.76 21.51 -15.68
N GLN A 121 12.05 21.42 -16.01
CA GLN A 121 12.81 22.59 -16.40
C GLN A 121 13.38 22.50 -17.81
N SER A 122 13.12 21.40 -18.53
CA SER A 122 13.60 21.24 -19.90
C SER A 122 12.94 20.00 -20.49
N HIS A 123 12.97 19.92 -21.82
CA HIS A 123 12.43 18.78 -22.56
C HIS A 123 12.97 17.45 -22.03
N ARG A 124 14.15 17.47 -21.41
CA ARG A 124 14.72 16.23 -20.87
C ARG A 124 13.93 15.71 -19.69
N ASP A 125 13.26 16.59 -18.95
CA ASP A 125 12.53 16.21 -17.74
C ASP A 125 11.21 15.50 -18.03
N LEU A 126 10.82 15.39 -19.30
CA LEU A 126 9.60 14.68 -19.62
C LEU A 126 9.93 13.38 -20.35
N PRO A 127 9.07 12.35 -20.26
CA PRO A 127 7.79 12.33 -19.55
C PRO A 127 7.94 12.11 -18.05
N ILE A 128 6.96 12.57 -17.29
CA ILE A 128 6.82 12.25 -15.89
C ILE A 128 5.64 11.29 -15.77
N LYS A 129 5.88 10.12 -15.17
CA LYS A 129 4.85 9.08 -15.07
C LYS A 129 4.83 8.58 -13.62
N LEU A 130 3.99 9.20 -12.78
CA LEU A 130 3.89 8.81 -11.39
C LEU A 130 2.51 8.25 -11.08
N ASN A 131 2.48 7.30 -10.15
CA ASN A 131 1.26 6.65 -9.70
C ASN A 131 1.38 6.37 -8.20
N GLN A 132 0.31 6.54 -7.46
CA GLN A 132 0.31 6.15 -6.06
C GLN A 132 -0.94 5.36 -5.72
N TRP A 133 -0.73 4.31 -4.93
CA TRP A 133 -1.82 3.61 -4.24
C TRP A 133 -1.98 4.26 -2.87
N CYS A 134 -3.18 4.73 -2.56
CA CYS A 134 -3.38 5.49 -1.34
C CYS A 134 -4.84 5.49 -0.96
N ASN A 135 -5.12 6.03 0.23
CA ASN A 135 -6.49 6.24 0.65
C ASN A 135 -6.92 7.63 0.22
N VAL A 136 -8.22 7.78 0.01
CA VAL A 136 -8.80 9.04 -0.42
C VAL A 136 -10.11 9.23 0.30
N VAL A 137 -10.36 10.45 0.75
CA VAL A 137 -11.57 10.81 1.48
C VAL A 137 -12.40 11.77 0.65
N ARG A 138 -13.69 11.51 0.58
CA ARG A 138 -14.67 12.36 -0.09
C ARG A 138 -15.95 12.29 0.72
N TRP A 139 -16.36 13.41 1.30
CA TRP A 139 -17.54 13.42 2.15
C TRP A 139 -18.78 13.39 1.27
N GLU A 140 -19.05 12.20 0.75
CA GLU A 140 -20.09 12.03 -0.25
C GLU A 140 -21.47 12.35 0.32
N PHE A 141 -22.30 13.01 -0.49
CA PHE A 141 -23.67 13.37 -0.18
C PHE A 141 -24.67 12.34 -0.69
N LYS A 142 -24.39 11.74 -1.85
CA LYS A 142 -25.17 10.61 -2.32
C LYS A 142 -25.09 9.45 -1.32
N HIS A 143 -25.95 8.47 -1.52
CA HIS A 143 -26.10 7.41 -0.54
C HIS A 143 -24.85 6.54 -0.49
N PRO A 144 -24.18 6.42 0.64
CA PRO A 144 -22.97 5.59 0.70
C PRO A 144 -23.30 4.11 0.79
N GLN A 145 -22.50 3.29 0.11
CA GLN A 145 -22.67 1.84 0.09
C GLN A 145 -21.31 1.17 0.16
N PRO A 146 -21.15 0.09 0.94
CA PRO A 146 -19.88 -0.62 0.82
C PRO A 146 -19.57 -0.86 -0.64
N PHE A 147 -18.40 -0.34 -0.90
CA PHE A 147 -17.33 -0.35 -1.90
C PHE A 147 -17.84 0.38 -3.12
N LEU A 148 -19.15 0.59 -3.17
CA LEU A 148 -19.70 1.36 -4.28
C LEU A 148 -19.40 2.83 -4.20
N ARG A 149 -19.59 3.38 -3.00
CA ARG A 149 -19.42 4.80 -2.72
C ARG A 149 -19.15 4.87 -1.21
N THR A 150 -17.91 5.04 -0.83
CA THR A 150 -17.54 5.12 0.58
C THR A 150 -16.90 6.47 0.84
N ARG A 151 -17.06 6.99 2.07
CA ARG A 151 -16.52 8.31 2.35
C ARG A 151 -15.00 8.28 2.44
N GLU A 152 -14.41 7.13 2.77
CA GLU A 152 -13.01 6.88 2.54
C GLU A 152 -12.89 5.66 1.64
N PHE A 153 -11.95 5.69 0.70
CA PHE A 153 -11.76 4.52 -0.14
C PHE A 153 -10.30 4.42 -0.54
N LEU A 154 -9.94 3.25 -1.03
CA LEU A 154 -8.60 2.99 -1.53
C LEU A 154 -8.65 3.05 -3.04
N TRP A 155 -7.57 3.54 -3.63
CA TRP A 155 -7.57 3.73 -5.07
C TRP A 155 -6.14 3.79 -5.57
N GLN A 156 -6.04 3.85 -6.88
CA GLN A 156 -4.79 4.14 -7.57
C GLN A 156 -5.08 5.36 -8.43
N GLU A 157 -4.26 6.40 -8.31
CA GLU A 157 -4.30 7.50 -9.27
C GLU A 157 -2.95 7.56 -9.97
N GLY A 158 -2.98 7.61 -11.29
CA GLY A 158 -1.81 7.97 -12.08
C GLY A 158 -1.96 9.38 -12.61
N HIS A 159 -0.89 10.15 -12.53
CA HIS A 159 -0.78 11.46 -13.16
C HIS A 159 0.45 11.46 -14.04
N SER A 160 0.29 11.85 -15.30
CA SER A 160 1.38 11.79 -16.26
C SER A 160 1.49 13.10 -17.03
N ALA A 161 2.71 13.40 -17.46
CA ALA A 161 3.04 14.67 -18.11
C ALA A 161 3.94 14.41 -19.30
N PHE A 162 3.55 14.92 -20.47
CA PHE A 162 4.23 14.61 -21.73
C PHE A 162 4.59 15.89 -22.47
N ALA A 163 5.62 15.78 -23.32
CA ALA A 163 6.00 16.88 -24.19
C ALA A 163 5.04 17.07 -25.36
N THR A 164 4.46 15.98 -25.87
CA THR A 164 3.56 16.07 -27.02
C THR A 164 2.21 15.44 -26.71
N MET A 165 1.19 15.93 -27.41
CA MET A 165 -0.17 15.40 -27.27
C MET A 165 -0.29 13.96 -27.74
N GLU A 166 0.54 13.56 -28.71
CA GLU A 166 0.45 12.18 -29.24
C GLU A 166 0.62 11.17 -28.11
N GLU A 167 1.71 11.29 -27.35
CA GLU A 167 1.98 10.32 -26.28
C GLU A 167 0.87 10.34 -25.23
N ALA A 168 0.44 11.53 -24.81
CA ALA A 168 -0.68 11.64 -23.87
C ALA A 168 -1.90 10.85 -24.36
N ALA A 169 -2.24 11.01 -25.63
CA ALA A 169 -3.44 10.38 -26.17
C ALA A 169 -3.33 8.86 -26.19
N GLU A 170 -2.13 8.34 -26.45
CA GLU A 170 -1.94 6.90 -26.49
C GLU A 170 -2.09 6.28 -25.11
N GLU A 171 -1.60 6.96 -24.07
CA GLU A 171 -1.70 6.44 -22.71
C GLU A 171 -3.14 6.43 -22.22
N VAL A 172 -3.91 7.49 -22.50
CA VAL A 172 -5.31 7.54 -22.07
C VAL A 172 -6.03 6.27 -22.49
N LEU A 173 -5.87 5.87 -23.74
CA LEU A 173 -6.55 4.68 -24.25
C LEU A 173 -5.94 3.41 -23.67
N GLN A 174 -4.61 3.36 -23.57
CA GLN A 174 -3.95 2.23 -22.92
C GLN A 174 -4.48 2.00 -21.52
N ILE A 175 -4.46 3.04 -20.67
CA ILE A 175 -4.92 2.92 -19.30
C ILE A 175 -6.36 2.44 -19.26
N LEU A 176 -7.21 3.03 -20.11
CA LEU A 176 -8.59 2.57 -20.21
C LEU A 176 -8.67 1.09 -20.55
N ASP A 177 -7.77 0.61 -21.41
CA ASP A 177 -7.80 -0.81 -21.76
C ASP A 177 -7.44 -1.68 -20.57
N LEU A 178 -6.47 -1.24 -19.76
CA LEU A 178 -6.11 -1.99 -18.56
C LEU A 178 -7.29 -2.09 -17.61
N TYR A 179 -7.93 -0.96 -17.30
CA TYR A 179 -9.13 -0.98 -16.48
C TYR A 179 -10.15 -1.96 -17.03
N ALA A 180 -10.39 -1.93 -18.35
CA ALA A 180 -11.26 -2.90 -18.99
C ALA A 180 -10.77 -4.32 -18.79
N GLN A 181 -9.46 -4.51 -18.71
CA GLN A 181 -8.92 -5.85 -18.47
C GLN A 181 -9.16 -6.26 -17.02
N VAL A 182 -8.89 -5.35 -16.08
CA VAL A 182 -9.21 -5.57 -14.67
C VAL A 182 -10.64 -6.09 -14.54
N TYR A 183 -11.59 -5.39 -15.16
CA TYR A 183 -12.99 -5.76 -15.01
C TYR A 183 -13.33 -7.07 -15.74
N GLU A 184 -12.83 -7.25 -16.95
CA GLU A 184 -13.34 -8.34 -17.79
C GLU A 184 -12.55 -9.63 -17.62
N GLU A 185 -11.22 -9.56 -17.52
CA GLU A 185 -10.42 -10.78 -17.38
C GLU A 185 -10.18 -11.16 -15.94
N LEU A 186 -10.24 -10.21 -15.00
CA LEU A 186 -10.02 -10.50 -13.59
C LEU A 186 -11.32 -10.70 -12.83
N LEU A 187 -12.28 -9.79 -13.00
CA LEU A 187 -13.55 -9.88 -12.30
C LEU A 187 -14.65 -10.53 -13.14
N ALA A 188 -14.37 -10.83 -14.41
CA ALA A 188 -15.35 -11.42 -15.32
C ALA A 188 -16.60 -10.56 -15.46
N ILE A 189 -16.40 -9.25 -15.48
CA ILE A 189 -17.49 -8.30 -15.68
C ILE A 189 -17.29 -7.61 -17.02
N PRO A 190 -18.24 -7.72 -17.96
CA PRO A 190 -18.15 -6.92 -19.18
C PRO A 190 -18.39 -5.44 -18.89
N VAL A 191 -17.72 -4.60 -19.67
CA VAL A 191 -17.87 -3.15 -19.54
C VAL A 191 -18.02 -2.55 -20.93
N VAL A 192 -18.40 -1.27 -20.95
CA VAL A 192 -18.55 -0.49 -22.18
C VAL A 192 -17.59 0.67 -22.11
N LYS A 193 -16.62 0.71 -23.02
CA LYS A 193 -15.76 1.87 -23.07
C LYS A 193 -16.46 3.03 -23.77
N GLY A 194 -16.07 4.24 -23.40
CA GLY A 194 -16.73 5.41 -23.95
C GLY A 194 -16.02 6.68 -23.58
N ARG A 195 -16.57 7.79 -24.08
CA ARG A 195 -16.16 9.12 -23.69
C ARG A 195 -17.33 9.81 -22.98
N LYS A 196 -17.03 10.50 -21.88
CA LYS A 196 -18.09 11.19 -21.16
C LYS A 196 -18.62 12.35 -21.99
N THR A 197 -19.87 12.69 -21.75
CA THR A 197 -20.47 13.87 -22.35
C THR A 197 -19.85 15.13 -21.77
N GLU A 198 -20.15 16.25 -22.40
CA GLU A 198 -19.75 17.55 -21.87
C GLU A 198 -20.22 17.72 -20.43
N LYS A 199 -21.45 17.30 -20.13
CA LYS A 199 -21.95 17.42 -18.76
C LYS A 199 -21.14 16.54 -17.81
N GLU A 200 -20.93 15.28 -18.17
CA GLU A 200 -20.38 14.30 -17.24
C GLU A 200 -18.85 14.23 -17.28
N LYS A 201 -18.19 14.98 -18.15
CA LYS A 201 -16.74 14.98 -18.18
C LYS A 201 -16.16 15.68 -16.95
N PHE A 202 -14.89 15.38 -16.68
CA PHE A 202 -14.09 16.17 -15.73
C PHE A 202 -13.94 17.59 -16.27
N ALA A 203 -14.44 18.56 -15.51
CA ALA A 203 -14.58 19.92 -16.04
C ALA A 203 -13.26 20.48 -16.54
N GLY A 204 -12.17 20.20 -15.84
CA GLY A 204 -10.91 20.81 -16.22
C GLY A 204 -10.06 20.09 -17.26
N GLY A 205 -10.53 18.97 -17.81
CA GLY A 205 -9.75 18.23 -18.80
C GLY A 205 -10.20 18.52 -20.23
N ASP A 206 -9.49 17.89 -21.16
CA ASP A 206 -9.92 17.98 -22.55
C ASP A 206 -11.09 17.04 -22.83
N TYR A 207 -10.92 15.76 -22.50
CA TYR A 207 -11.98 14.79 -22.62
C TYR A 207 -11.77 13.68 -21.61
N THR A 208 -12.86 13.07 -21.16
CA THR A 208 -12.82 11.98 -20.20
C THR A 208 -13.28 10.69 -20.85
N THR A 209 -12.45 9.67 -20.76
CA THR A 209 -12.87 8.32 -21.14
C THR A 209 -13.16 7.52 -19.88
N THR A 210 -13.81 6.38 -20.07
CA THR A 210 -14.45 5.70 -18.96
C THR A 210 -14.83 4.29 -19.37
N ILE A 211 -14.95 3.41 -18.38
CA ILE A 211 -15.64 2.14 -18.54
C ILE A 211 -16.91 2.21 -17.70
N GLU A 212 -18.01 1.71 -18.27
CA GLU A 212 -19.27 1.61 -17.55
C GLU A 212 -19.64 0.15 -17.39
N ALA A 213 -20.12 -0.21 -16.21
CA ALA A 213 -20.55 -1.57 -15.91
C ALA A 213 -22.04 -1.57 -15.60
N PHE A 214 -22.68 -2.71 -15.86
CA PHE A 214 -24.10 -2.87 -15.57
C PHE A 214 -24.31 -3.82 -14.40
N ILE A 215 -25.29 -3.50 -13.55
CA ILE A 215 -25.72 -4.34 -12.44
C ILE A 215 -27.21 -4.61 -12.67
N SER A 216 -27.52 -5.79 -13.23
CA SER A 216 -28.90 -6.11 -13.61
C SER A 216 -29.88 -5.92 -12.46
N ALA A 217 -29.54 -6.48 -11.29
CA ALA A 217 -30.48 -6.49 -10.17
C ALA A 217 -30.96 -5.09 -9.79
N SER A 218 -30.12 -4.07 -10.02
CA SER A 218 -30.53 -2.69 -9.85
C SER A 218 -31.17 -2.10 -11.10
N GLY A 219 -30.88 -2.66 -12.28
CA GLY A 219 -31.13 -1.93 -13.50
C GLY A 219 -30.22 -0.75 -13.70
N ARG A 220 -29.17 -0.62 -12.89
CA ARG A 220 -28.36 0.59 -12.81
C ARG A 220 -26.94 0.34 -13.28
N ALA A 221 -26.37 1.35 -13.92
CA ALA A 221 -24.98 1.31 -14.37
C ALA A 221 -24.06 1.90 -13.31
N ILE A 222 -22.76 1.68 -13.49
CA ILE A 222 -21.78 2.21 -12.55
C ILE A 222 -20.48 2.46 -13.31
N GLN A 223 -19.85 3.59 -12.99
CA GLN A 223 -18.58 3.99 -13.58
C GLN A 223 -17.45 3.23 -12.91
N GLY A 224 -16.85 2.30 -13.64
CA GLY A 224 -15.82 1.43 -13.10
C GLY A 224 -14.41 1.98 -13.13
N GLY A 225 -14.21 3.14 -13.74
CA GLY A 225 -12.87 3.67 -13.92
C GLY A 225 -12.86 4.90 -14.81
N THR A 226 -11.82 5.72 -14.72
CA THR A 226 -11.79 6.99 -15.43
C THR A 226 -10.38 7.26 -15.92
N SER A 227 -10.29 7.78 -17.16
CA SER A 227 -9.01 8.15 -17.76
C SER A 227 -9.22 9.46 -18.51
N HIS A 228 -8.62 10.54 -18.00
CA HIS A 228 -8.73 11.85 -18.61
C HIS A 228 -7.49 12.15 -19.44
N HIS A 229 -7.71 12.83 -20.57
CA HIS A 229 -6.65 13.63 -21.18
C HIS A 229 -6.92 15.06 -20.75
N LEU A 230 -5.96 15.66 -20.05
CA LEU A 230 -6.11 16.99 -19.52
C LEU A 230 -5.61 18.05 -20.49
N GLY A 231 -5.16 17.64 -21.67
CA GLY A 231 -4.51 18.58 -22.57
C GLY A 231 -3.44 19.34 -21.82
N GLN A 232 -3.50 20.66 -21.93
CA GLN A 232 -2.57 21.55 -21.25
C GLN A 232 -3.28 22.47 -20.27
N ASN A 233 -4.56 22.20 -19.99
CA ASN A 233 -5.32 23.05 -19.09
C ASN A 233 -4.71 23.08 -17.69
N PHE A 234 -4.07 21.99 -17.26
CA PHE A 234 -3.46 22.01 -15.94
C PHE A 234 -2.01 22.48 -15.99
N SER A 235 -1.28 22.14 -17.05
CA SER A 235 0.10 22.61 -17.16
C SER A 235 0.16 24.14 -17.25
N LYS A 236 -0.87 24.76 -17.86
CA LYS A 236 -0.89 26.21 -17.92
C LYS A 236 -1.23 26.82 -16.56
N MET A 237 -2.19 26.22 -15.84
CA MET A 237 -2.50 26.68 -14.49
C MET A 237 -1.29 26.61 -13.57
N PHE A 238 -0.63 25.45 -13.53
CA PHE A 238 0.47 25.19 -12.62
C PHE A 238 1.82 25.58 -13.17
N GLU A 239 1.87 26.11 -14.39
CA GLU A 239 3.12 26.54 -15.02
C GLU A 239 4.12 25.38 -15.10
N ILE A 240 3.68 24.30 -15.75
CA ILE A 240 4.56 23.15 -16.02
C ILE A 240 5.05 23.36 -17.44
N VAL A 241 6.22 24.00 -17.57
CA VAL A 241 6.68 24.54 -18.84
C VAL A 241 8.14 24.18 -19.04
N PHE A 242 8.48 23.84 -20.28
CA PHE A 242 9.86 23.79 -20.75
C PHE A 242 9.97 24.63 -22.01
N GLU A 243 11.19 25.04 -22.33
CA GLU A 243 11.44 25.90 -23.50
C GLU A 243 12.41 25.17 -24.43
N ASP A 244 11.87 24.58 -25.48
CA ASP A 244 12.66 23.90 -26.51
C ASP A 244 13.77 24.82 -27.01
N PRO A 245 15.04 24.42 -26.88
CA PRO A 245 16.11 25.25 -27.44
C PRO A 245 15.95 25.53 -28.92
N LYS A 246 15.50 24.53 -29.69
CA LYS A 246 15.33 24.66 -31.13
C LYS A 246 14.06 25.39 -31.54
N ILE A 247 13.20 25.79 -30.59
CA ILE A 247 12.00 26.57 -30.89
C ILE A 247 12.05 27.82 -30.03
N PRO A 248 13.02 28.71 -30.25
CA PRO A 248 13.18 29.86 -29.35
C PRO A 248 11.96 30.77 -29.33
N GLY A 249 11.58 31.20 -28.13
CA GLY A 249 10.52 32.17 -27.97
C GLY A 249 9.14 31.62 -27.75
N GLU A 250 8.98 30.31 -27.64
CA GLU A 250 7.69 29.69 -27.38
C GLU A 250 7.79 28.81 -26.16
N LYS A 251 6.86 29.00 -25.22
CA LYS A 251 6.74 28.12 -24.07
C LYS A 251 6.11 26.80 -24.49
N GLN A 252 6.57 25.70 -23.91
CA GLN A 252 6.01 24.38 -24.17
C GLN A 252 5.33 23.89 -22.89
N PHE A 253 4.01 24.00 -22.85
CA PHE A 253 3.23 23.43 -21.77
C PHE A 253 3.06 21.93 -21.98
N ALA A 254 3.19 21.17 -20.89
CA ALA A 254 3.07 19.72 -20.96
C ALA A 254 1.63 19.31 -21.26
N TYR A 255 1.51 18.20 -21.99
CA TYR A 255 0.23 17.51 -22.14
C TYR A 255 0.09 16.48 -21.03
N GLN A 256 -1.03 16.53 -20.30
CA GLN A 256 -1.19 15.77 -19.08
C GLN A 256 -2.41 14.86 -19.16
N ASN A 257 -2.30 13.71 -18.50
CA ASN A 257 -3.43 12.83 -18.26
C ASN A 257 -3.52 12.53 -16.77
N SER A 258 -4.67 12.01 -16.35
CA SER A 258 -4.82 11.41 -15.04
C SER A 258 -5.83 10.27 -15.16
N TRP A 259 -5.74 9.32 -14.23
CA TRP A 259 -6.61 8.16 -14.30
C TRP A 259 -6.69 7.51 -12.93
N GLY A 260 -7.85 6.93 -12.62
CA GLY A 260 -8.08 6.35 -11.31
C GLY A 260 -8.94 5.12 -11.35
N LEU A 261 -8.75 4.26 -10.36
CA LEU A 261 -9.53 3.06 -10.15
C LEU A 261 -9.53 2.74 -8.65
N THR A 262 -10.67 2.28 -8.12
CA THR A 262 -10.88 2.15 -6.68
C THR A 262 -11.48 0.79 -6.33
N THR A 263 -11.63 0.58 -5.02
CA THR A 263 -12.20 -0.61 -4.41
C THR A 263 -13.67 -0.77 -4.77
N ARG A 264 -14.23 0.19 -5.51
CA ARG A 264 -15.57 0.00 -6.05
C ARG A 264 -15.65 -1.25 -6.91
N THR A 265 -14.52 -1.65 -7.49
CA THR A 265 -14.43 -2.89 -8.26
C THR A 265 -15.06 -4.05 -7.51
N ILE A 266 -14.68 -4.22 -6.25
CA ILE A 266 -15.12 -5.38 -5.47
C ILE A 266 -16.64 -5.37 -5.29
N GLY A 267 -17.21 -4.19 -5.07
CA GLY A 267 -18.67 -4.11 -4.99
C GLY A 267 -19.34 -4.57 -6.27
N VAL A 268 -18.84 -4.10 -7.42
CA VAL A 268 -19.36 -4.54 -8.71
C VAL A 268 -19.29 -6.06 -8.83
N MET A 269 -18.11 -6.64 -8.58
CA MET A 269 -17.97 -8.10 -8.58
C MET A 269 -19.01 -8.75 -7.68
N THR A 270 -19.25 -8.18 -6.51
CA THR A 270 -20.23 -8.74 -5.59
C THR A 270 -21.62 -8.75 -6.20
N MET A 271 -22.03 -7.64 -6.82
CA MET A 271 -23.40 -7.53 -7.28
C MET A 271 -23.62 -8.16 -8.65
N VAL A 272 -22.55 -8.37 -9.43
CA VAL A 272 -22.70 -9.03 -10.72
C VAL A 272 -22.77 -10.54 -10.56
N HIS A 273 -21.81 -11.14 -9.83
CA HIS A 273 -21.72 -12.59 -9.75
C HIS A 273 -22.32 -13.17 -8.47
N GLY A 274 -22.70 -12.35 -7.50
CA GLY A 274 -23.27 -12.89 -6.28
C GLY A 274 -24.59 -13.57 -6.53
N ASP A 275 -24.83 -14.64 -5.79
CA ASP A 275 -26.06 -15.42 -5.90
C ASP A 275 -26.74 -15.47 -4.52
N ASN A 276 -27.82 -16.25 -4.46
CA ASN A 276 -28.59 -16.39 -3.24
C ASN A 276 -28.01 -17.41 -2.27
N MET A 277 -26.77 -17.83 -2.49
CA MET A 277 -26.00 -18.54 -1.49
C MET A 277 -24.74 -17.77 -1.11
N GLY A 278 -24.62 -16.52 -1.54
CA GLY A 278 -23.57 -15.65 -1.06
C GLY A 278 -22.60 -15.18 -2.12
N LEU A 279 -21.39 -14.81 -1.70
CA LEU A 279 -20.35 -14.34 -2.60
C LEU A 279 -20.04 -15.40 -3.65
N VAL A 280 -19.63 -14.93 -4.83
CA VAL A 280 -19.15 -15.81 -5.91
C VAL A 280 -17.88 -15.18 -6.46
N LEU A 281 -16.74 -15.75 -6.12
CA LEU A 281 -15.43 -15.22 -6.50
C LEU A 281 -15.05 -15.72 -7.90
N PRO A 282 -14.66 -14.83 -8.80
CA PRO A 282 -13.95 -15.28 -10.00
C PRO A 282 -12.63 -15.93 -9.62
N PRO A 283 -12.36 -17.14 -10.10
CA PRO A 283 -11.06 -17.78 -9.84
C PRO A 283 -9.86 -16.88 -10.04
N ARG A 284 -9.94 -15.93 -10.97
CA ARG A 284 -8.81 -15.06 -11.28
C ARG A 284 -8.36 -14.24 -10.08
N VAL A 285 -9.29 -13.87 -9.20
CA VAL A 285 -8.98 -13.02 -8.05
C VAL A 285 -9.15 -13.74 -6.73
N ALA A 286 -9.62 -14.99 -6.72
CA ALA A 286 -9.94 -15.65 -5.47
C ALA A 286 -8.66 -16.02 -4.74
N CYS A 287 -8.52 -15.53 -3.50
CA CYS A 287 -7.33 -15.86 -2.72
C CYS A 287 -7.33 -17.33 -2.29
N VAL A 288 -8.50 -17.92 -2.12
CA VAL A 288 -8.64 -19.38 -2.04
C VAL A 288 -9.41 -19.82 -3.28
N GLN A 289 -8.72 -20.51 -4.19
CA GLN A 289 -9.39 -21.05 -5.36
C GLN A 289 -10.06 -22.39 -5.05
N VAL A 290 -9.37 -23.24 -4.28
CA VAL A 290 -9.87 -24.54 -3.88
C VAL A 290 -9.74 -24.67 -2.37
N VAL A 291 -10.83 -25.02 -1.70
CA VAL A 291 -10.79 -25.40 -0.30
C VAL A 291 -10.87 -26.91 -0.22
N ILE A 292 -9.97 -27.52 0.56
CA ILE A 292 -9.96 -28.95 0.80
C ILE A 292 -10.66 -29.22 2.13
N ILE A 293 -11.72 -30.02 2.10
CA ILE A 293 -12.52 -30.32 3.28
C ILE A 293 -12.55 -31.83 3.50
N PRO A 294 -12.12 -32.33 4.66
CA PRO A 294 -12.24 -33.77 4.96
C PRO A 294 -13.63 -34.15 5.45
N CYS A 295 -14.11 -35.30 4.97
CA CYS A 295 -15.47 -35.79 5.23
C CYS A 295 -15.42 -37.21 5.81
N GLY A 296 -16.52 -37.64 6.42
CA GLY A 296 -16.60 -38.97 7.01
C GLY A 296 -15.81 -39.32 8.26
N ILE A 297 -16.15 -38.66 9.38
CA ILE A 297 -15.54 -39.01 10.66
C ILE A 297 -16.53 -39.63 11.66
N LEU A 301 -13.88 -44.77 13.53
CA LEU A 301 -12.72 -44.16 12.89
C LEU A 301 -11.54 -44.07 13.85
N SER A 302 -10.45 -44.75 13.50
CA SER A 302 -9.25 -44.75 14.31
C SER A 302 -8.59 -43.37 14.30
N GLU A 303 -7.71 -43.16 15.29
CA GLU A 303 -6.88 -41.96 15.31
C GLU A 303 -5.86 -41.96 14.18
N GLU A 304 -5.19 -43.11 13.98
CA GLU A 304 -4.25 -43.24 12.87
C GLU A 304 -4.93 -43.05 11.53
N ASP A 305 -6.14 -43.62 11.37
CA ASP A 305 -6.92 -43.39 10.17
C ASP A 305 -7.21 -41.91 9.97
N LYS A 306 -7.64 -41.24 11.04
CA LYS A 306 -7.92 -39.81 10.97
C LYS A 306 -6.69 -39.03 10.49
N GLU A 307 -5.54 -39.30 11.11
CA GLU A 307 -4.31 -38.65 10.68
C GLU A 307 -4.00 -38.95 9.22
N ALA A 308 -4.33 -40.17 8.77
CA ALA A 308 -4.14 -40.52 7.36
C ALA A 308 -5.04 -39.70 6.46
N LEU A 309 -6.27 -39.45 6.89
CA LEU A 309 -7.20 -38.63 6.10
C LEU A 309 -6.68 -37.19 6.00
N ILE A 310 -6.17 -36.65 7.11
CA ILE A 310 -5.59 -35.32 7.09
C ILE A 310 -4.36 -35.30 6.18
N ALA A 311 -3.51 -36.33 6.29
CA ALA A 311 -2.36 -36.47 5.40
C ALA A 311 -2.76 -36.36 3.93
N LYS A 312 -3.86 -37.01 3.55
CA LYS A 312 -4.27 -36.98 2.14
C LYS A 312 -4.69 -35.58 1.73
N CYS A 313 -5.45 -34.88 2.58
CA CYS A 313 -5.82 -33.49 2.30
C CYS A 313 -4.58 -32.62 2.09
N ASN A 314 -3.62 -32.71 3.01
CA ASN A 314 -2.41 -31.90 2.88
C ASN A 314 -1.59 -32.32 1.67
N ASP A 315 -1.68 -33.59 1.26
CA ASP A 315 -1.07 -34.00 0.00
C ASP A 315 -1.71 -33.28 -1.17
N TYR A 316 -3.05 -33.25 -1.20
CA TYR A 316 -3.76 -32.45 -2.20
C TYR A 316 -3.32 -31.00 -2.16
N ARG A 317 -3.23 -30.43 -0.96
CA ARG A 317 -2.76 -29.04 -0.82
C ARG A 317 -1.38 -28.86 -1.43
N ARG A 318 -0.51 -29.85 -1.29
CA ARG A 318 0.85 -29.70 -1.80
C ARG A 318 0.90 -29.86 -3.31
N ARG A 319 0.16 -30.84 -3.85
CA ARG A 319 0.05 -30.98 -5.29
C ARG A 319 -0.50 -29.71 -5.94
N LEU A 320 -1.53 -29.11 -5.35
CA LEU A 320 -2.18 -27.97 -5.98
C LEU A 320 -1.29 -26.73 -5.95
N LEU A 321 -0.58 -26.51 -4.83
CA LEU A 321 0.38 -25.41 -4.79
C LEU A 321 1.41 -25.53 -5.89
N SER A 322 1.93 -26.75 -6.11
CA SER A 322 2.94 -26.99 -7.14
C SER A 322 2.49 -26.61 -8.55
N VAL A 323 1.18 -26.49 -8.79
CA VAL A 323 0.66 -26.07 -10.09
C VAL A 323 0.01 -24.69 -9.93
N ASN A 324 0.49 -23.92 -8.96
CA ASN A 324 0.08 -22.53 -8.74
C ASN A 324 -1.43 -22.37 -8.62
N ILE A 325 -2.04 -23.26 -7.86
CA ILE A 325 -3.43 -23.05 -7.44
C ILE A 325 -3.40 -22.63 -5.98
N ARG A 326 -4.21 -21.64 -5.64
CA ARG A 326 -4.27 -21.15 -4.27
C ARG A 326 -5.27 -22.00 -3.52
N VAL A 327 -4.79 -22.69 -2.49
CA VAL A 327 -5.53 -23.79 -1.87
C VAL A 327 -5.45 -23.64 -0.37
N ARG A 328 -6.56 -23.93 0.32
CA ARG A 328 -6.58 -23.96 1.77
C ARG A 328 -7.16 -25.31 2.21
N ALA A 329 -6.55 -25.88 3.25
CA ALA A 329 -7.04 -27.12 3.85
C ALA A 329 -7.76 -26.77 5.15
N ASP A 330 -9.08 -26.83 5.14
CA ASP A 330 -9.83 -26.55 6.36
C ASP A 330 -9.88 -27.85 7.14
N LEU A 331 -8.86 -28.04 7.97
CA LEU A 331 -8.69 -29.23 8.79
C LEU A 331 -9.20 -29.03 10.21
N ARG A 332 -9.94 -27.96 10.47
CA ARG A 332 -10.33 -27.64 11.83
C ARG A 332 -11.21 -28.73 12.40
N ASP A 333 -10.92 -29.13 13.65
CA ASP A 333 -11.65 -30.19 14.31
C ASP A 333 -13.00 -29.75 14.81
N ASN A 334 -13.20 -28.45 15.01
CA ASN A 334 -14.30 -27.91 15.80
C ASN A 334 -15.60 -27.71 15.02
N TYR A 335 -15.60 -27.93 13.70
CA TYR A 335 -16.76 -27.68 12.87
C TYR A 335 -17.07 -28.91 12.02
N SER A 336 -18.35 -29.12 11.73
CA SER A 336 -18.74 -30.24 10.89
C SER A 336 -18.48 -29.92 9.42
N PRO A 337 -18.32 -30.96 8.59
CA PRO A 337 -18.15 -30.69 7.15
C PRO A 337 -19.29 -29.91 6.53
N GLY A 338 -20.54 -30.24 6.88
CA GLY A 338 -21.67 -29.43 6.45
C GLY A 338 -21.49 -27.96 6.77
N TRP A 339 -21.08 -27.64 8.00
CA TRP A 339 -20.81 -26.26 8.37
C TRP A 339 -19.73 -25.66 7.47
N LYS A 340 -18.71 -26.44 7.14
CA LYS A 340 -17.64 -25.94 6.29
C LYS A 340 -18.12 -25.74 4.86
N PHE A 341 -18.98 -26.64 4.37
CA PHE A 341 -19.57 -26.47 3.04
C PHE A 341 -20.26 -25.11 2.93
N ASN A 342 -21.18 -24.84 3.86
CA ASN A 342 -21.90 -23.56 3.84
C ASN A 342 -20.95 -22.39 4.04
N HIS A 343 -20.01 -22.53 4.97
CA HIS A 343 -19.07 -21.44 5.24
C HIS A 343 -18.32 -21.02 3.98
N TRP A 344 -17.69 -21.98 3.30
CA TRP A 344 -16.89 -21.62 2.14
C TRP A 344 -17.74 -21.32 0.92
N GLU A 345 -18.99 -21.77 0.90
CA GLU A 345 -19.92 -21.35 -0.16
C GLU A 345 -20.27 -19.88 -0.01
N LEU A 346 -20.59 -19.44 1.21
CA LEU A 346 -20.82 -18.02 1.48
C LEU A 346 -19.60 -17.20 1.10
N LYS A 347 -18.40 -17.73 1.37
CA LYS A 347 -17.19 -17.01 1.01
C LYS A 347 -16.97 -17.01 -0.50
N GLY A 348 -17.58 -17.95 -1.21
CA GLY A 348 -17.57 -17.93 -2.66
C GLY A 348 -16.39 -18.60 -3.31
N VAL A 349 -15.70 -19.50 -2.60
CA VAL A 349 -14.54 -20.21 -3.13
C VAL A 349 -14.97 -20.91 -4.43
N PRO A 350 -14.17 -20.83 -5.50
CA PRO A 350 -14.56 -21.52 -6.74
C PRO A 350 -14.80 -23.01 -6.57
N ILE A 351 -13.87 -23.74 -5.95
CA ILE A 351 -13.98 -25.20 -5.88
C ILE A 351 -13.82 -25.66 -4.44
N ARG A 352 -14.72 -26.55 -4.02
CA ARG A 352 -14.58 -27.33 -2.79
C ARG A 352 -14.07 -28.71 -3.16
N LEU A 353 -12.97 -29.13 -2.52
CA LEU A 353 -12.39 -30.46 -2.76
C LEU A 353 -12.78 -31.34 -1.58
N GLU A 354 -13.74 -32.24 -1.82
CA GLU A 354 -14.28 -33.13 -0.80
C GLU A 354 -13.52 -34.45 -0.80
N VAL A 355 -13.03 -34.88 0.36
CA VAL A 355 -12.29 -36.14 0.43
C VAL A 355 -12.66 -36.86 1.73
N GLY A 356 -13.23 -38.06 1.58
CA GLY A 356 -13.60 -38.88 2.70
C GLY A 356 -12.79 -40.16 2.75
N PRO A 357 -13.06 -41.01 3.74
CA PRO A 357 -12.25 -42.24 3.88
C PRO A 357 -12.46 -43.22 2.74
N ARG A 358 -13.70 -43.37 2.25
CA ARG A 358 -13.92 -44.30 1.16
C ARG A 358 -13.51 -43.73 -0.18
N ASP A 359 -13.22 -42.42 -0.26
CA ASP A 359 -12.65 -41.88 -1.48
C ASP A 359 -11.13 -42.05 -1.56
N MET A 360 -10.41 -41.99 -0.42
CA MET A 360 -8.97 -42.21 -0.51
C MET A 360 -8.66 -43.69 -0.69
N LYS A 361 -9.54 -44.59 -0.23
CA LYS A 361 -9.44 -45.99 -0.61
C LYS A 361 -9.75 -46.16 -2.10
N SER A 362 -10.61 -45.31 -2.64
CA SER A 362 -11.08 -45.42 -4.01
C SER A 362 -10.20 -44.68 -5.02
N CYS A 363 -9.26 -43.85 -4.54
CA CYS A 363 -8.40 -43.05 -5.42
C CYS A 363 -9.24 -42.07 -6.25
N GLN A 364 -10.04 -41.29 -5.54
CA GLN A 364 -10.90 -40.30 -6.17
C GLN A 364 -11.20 -39.23 -5.13
N PHE A 365 -11.83 -38.14 -5.59
CA PHE A 365 -12.30 -37.09 -4.72
C PHE A 365 -13.52 -36.47 -5.36
N VAL A 366 -14.18 -35.57 -4.62
CA VAL A 366 -15.32 -34.84 -5.13
C VAL A 366 -14.91 -33.39 -5.34
N ALA A 367 -15.28 -32.84 -6.49
CA ALA A 367 -15.23 -31.41 -6.77
C ALA A 367 -16.66 -30.88 -6.88
N VAL A 368 -16.91 -29.74 -6.25
CA VAL A 368 -18.16 -29.00 -6.42
C VAL A 368 -17.81 -27.58 -6.82
N ARG A 369 -18.33 -27.13 -7.96
CA ARG A 369 -18.09 -25.77 -8.43
C ARG A 369 -19.12 -24.83 -7.83
N ARG A 370 -18.64 -23.68 -7.34
CA ARG A 370 -19.51 -22.73 -6.65
C ARG A 370 -20.55 -22.11 -7.59
N ASP A 371 -20.21 -21.93 -8.87
CA ASP A 371 -21.12 -21.24 -9.78
C ASP A 371 -22.30 -22.12 -10.14
N THR A 372 -22.04 -23.31 -10.64
CA THR A 372 -23.10 -24.22 -11.08
C THR A 372 -23.63 -25.08 -9.95
N GLY A 373 -22.80 -25.38 -8.96
CA GLY A 373 -23.16 -26.32 -7.92
C GLY A 373 -23.03 -27.77 -8.32
N GLU A 374 -22.46 -28.06 -9.48
CA GLU A 374 -22.40 -29.43 -9.97
C GLU A 374 -21.27 -30.17 -9.27
N LYS A 375 -21.57 -31.39 -8.85
CA LYS A 375 -20.61 -32.27 -8.21
C LYS A 375 -19.90 -33.11 -9.26
N LEU A 376 -18.64 -33.45 -8.98
CA LEU A 376 -17.83 -34.22 -9.92
C LEU A 376 -16.95 -35.19 -9.14
N THR A 377 -16.92 -36.44 -9.59
CA THR A 377 -16.02 -37.44 -9.02
C THR A 377 -14.82 -37.56 -9.94
N VAL A 378 -13.64 -37.29 -9.40
CA VAL A 378 -12.41 -37.10 -10.18
C VAL A 378 -11.38 -38.10 -9.68
N ALA A 379 -10.64 -38.69 -10.61
CA ALA A 379 -9.57 -39.61 -10.24
C ALA A 379 -8.46 -38.86 -9.52
N GLU A 380 -7.89 -39.51 -8.50
CA GLU A 380 -6.89 -38.86 -7.66
C GLU A 380 -5.70 -38.37 -8.50
N ASN A 381 -5.25 -39.19 -9.45
CA ASN A 381 -4.06 -38.84 -10.23
C ASN A 381 -4.27 -37.62 -11.11
N GLU A 382 -5.51 -37.30 -11.48
CA GLU A 382 -5.80 -36.23 -12.44
C GLU A 382 -6.25 -34.95 -11.74
N ALA A 383 -5.71 -34.69 -10.55
CA ALA A 383 -6.17 -33.55 -9.76
C ALA A 383 -5.70 -32.23 -10.36
N GLU A 384 -4.39 -32.08 -10.62
CA GLU A 384 -3.89 -30.84 -11.18
C GLU A 384 -4.58 -30.50 -12.50
N THR A 385 -4.65 -31.46 -13.42
CA THR A 385 -5.27 -31.19 -14.72
C THR A 385 -6.74 -30.83 -14.58
N LYS A 386 -7.48 -31.58 -13.76
CA LYS A 386 -8.93 -31.40 -13.72
C LYS A 386 -9.31 -30.14 -12.96
N LEU A 387 -8.62 -29.86 -11.84
CA LEU A 387 -8.96 -28.68 -11.06
C LEU A 387 -8.52 -27.40 -11.76
N GLN A 388 -7.40 -27.44 -12.50
CA GLN A 388 -7.01 -26.29 -13.28
C GLN A 388 -8.04 -26.01 -14.39
N ALA A 389 -8.41 -27.06 -15.13
CA ALA A 389 -9.46 -26.94 -16.14
C ALA A 389 -10.75 -26.35 -15.55
N ILE A 390 -11.18 -26.85 -14.40
CA ILE A 390 -12.46 -26.41 -13.83
C ILE A 390 -12.37 -24.95 -13.41
N LEU A 391 -11.22 -24.51 -12.91
CA LEU A 391 -11.05 -23.10 -12.57
C LEU A 391 -11.15 -22.22 -13.81
N GLU A 392 -10.52 -22.65 -14.91
CA GLU A 392 -10.61 -21.89 -16.15
C GLU A 392 -12.04 -21.87 -16.70
N ASP A 393 -12.82 -22.92 -16.46
CA ASP A 393 -14.19 -22.92 -16.95
C ASP A 393 -15.11 -22.05 -16.10
N ILE A 394 -14.87 -21.97 -14.78
CA ILE A 394 -15.69 -21.11 -13.94
C ILE A 394 -15.52 -19.66 -14.37
N GLN A 395 -14.28 -19.23 -14.60
CA GLN A 395 -14.03 -17.86 -15.03
C GLN A 395 -14.74 -17.56 -16.34
N VAL A 396 -14.56 -18.42 -17.34
CA VAL A 396 -15.22 -18.24 -18.63
C VAL A 396 -16.74 -18.35 -18.49
N THR A 397 -17.22 -19.12 -17.52
CA THR A 397 -18.66 -19.18 -17.28
C THR A 397 -19.16 -17.88 -16.67
N LEU A 398 -18.45 -17.36 -15.67
CA LEU A 398 -18.87 -16.14 -15.01
C LEU A 398 -18.88 -14.96 -15.98
N PHE A 399 -17.85 -14.84 -16.82
CA PHE A 399 -17.83 -13.76 -17.79
C PHE A 399 -18.92 -13.94 -18.85
N THR A 400 -19.18 -15.18 -19.26
CA THR A 400 -20.20 -15.42 -20.29
C THR A 400 -21.59 -15.03 -19.78
N ARG A 401 -21.99 -15.52 -18.61
CA ARG A 401 -23.29 -15.17 -18.06
C ARG A 401 -23.50 -13.68 -17.97
N ALA A 402 -22.47 -12.95 -17.51
CA ALA A 402 -22.59 -11.51 -17.38
C ALA A 402 -22.57 -10.84 -18.75
N SER A 403 -21.75 -11.36 -19.67
CA SER A 403 -21.76 -10.83 -21.03
C SER A 403 -23.13 -11.01 -21.67
N GLU A 404 -23.64 -12.24 -21.67
CA GLU A 404 -24.99 -12.48 -22.17
C GLU A 404 -26.02 -11.63 -21.44
N ASP A 405 -25.78 -11.36 -20.16
CA ASP A 405 -26.69 -10.50 -19.40
C ASP A 405 -26.63 -9.06 -19.88
N LEU A 406 -25.42 -8.55 -20.17
CA LEU A 406 -25.30 -7.17 -20.61
C LEU A 406 -25.85 -6.99 -22.03
N LYS A 407 -25.59 -7.93 -22.93
CA LYS A 407 -26.24 -7.92 -24.24
C LYS A 407 -27.74 -7.75 -24.09
N THR A 408 -28.34 -8.54 -23.20
CA THR A 408 -29.80 -8.55 -23.03
C THR A 408 -30.33 -7.19 -22.58
N HIS A 409 -29.60 -6.51 -21.69
CA HIS A 409 -30.14 -5.36 -20.98
C HIS A 409 -29.70 -4.01 -21.55
N MET A 410 -29.00 -3.99 -22.68
CA MET A 410 -28.55 -2.75 -23.30
C MET A 410 -28.99 -2.75 -24.76
N VAL A 411 -29.93 -1.89 -25.09
CA VAL A 411 -30.55 -1.88 -26.41
C VAL A 411 -30.63 -0.45 -26.93
N VAL A 412 -30.85 -0.32 -28.23
CA VAL A 412 -30.91 0.97 -28.89
C VAL A 412 -32.36 1.44 -28.93
N ALA A 413 -32.55 2.74 -28.72
CA ALA A 413 -33.83 3.38 -28.97
C ALA A 413 -33.58 4.68 -29.73
N ASN A 414 -34.56 5.07 -30.54
CA ASN A 414 -34.48 6.34 -31.26
C ASN A 414 -35.57 7.33 -30.88
N THR A 415 -36.57 6.91 -30.12
CA THR A 415 -37.60 7.80 -29.62
C THR A 415 -37.48 7.90 -28.11
N MET A 416 -37.81 9.07 -27.56
CA MET A 416 -37.90 9.11 -26.10
C MET A 416 -39.06 8.27 -25.61
N GLU A 417 -40.12 8.12 -26.42
CA GLU A 417 -41.16 7.14 -26.14
C GLU A 417 -40.63 5.76 -25.77
N ASP A 418 -39.88 5.16 -26.70
CA ASP A 418 -39.32 3.83 -26.43
C ASP A 418 -38.24 3.89 -25.36
N PHE A 419 -37.39 4.91 -25.42
CA PHE A 419 -36.34 5.10 -24.43
C PHE A 419 -36.90 5.11 -23.02
N GLN A 420 -38.02 5.80 -22.81
CA GLN A 420 -38.63 5.80 -21.48
C GLN A 420 -39.19 4.44 -21.14
N LYS A 421 -39.74 3.74 -22.14
CA LYS A 421 -40.31 2.41 -21.90
C LYS A 421 -39.22 1.38 -21.60
N ILE A 422 -38.18 1.34 -22.44
CA ILE A 422 -37.08 0.40 -22.22
C ILE A 422 -36.39 0.69 -20.89
N LEU A 423 -36.15 1.97 -20.59
CA LEU A 423 -35.45 2.32 -19.36
C LEU A 423 -36.17 1.77 -18.13
N ASP A 424 -37.50 1.84 -18.13
CA ASP A 424 -38.28 1.41 -16.98
C ASP A 424 -38.39 -0.11 -16.90
N SER A 425 -38.03 -0.83 -17.96
CA SER A 425 -37.85 -2.28 -17.86
C SER A 425 -36.56 -2.65 -17.13
N GLY A 426 -35.81 -1.66 -16.65
CA GLY A 426 -34.58 -1.92 -15.92
C GLY A 426 -33.39 -2.09 -16.85
N LYS A 427 -33.37 -1.33 -17.93
CA LYS A 427 -32.33 -1.47 -18.94
C LYS A 427 -31.59 -0.16 -19.14
N ILE A 428 -30.46 -0.23 -19.84
CA ILE A 428 -29.73 0.95 -20.26
C ILE A 428 -29.82 1.05 -21.78
N VAL A 429 -29.77 2.28 -22.28
CA VAL A 429 -30.26 2.61 -23.62
C VAL A 429 -29.23 3.46 -24.35
N GLN A 430 -28.91 3.09 -25.59
CA GLN A 430 -28.11 3.90 -26.50
C GLN A 430 -29.07 4.66 -27.43
N ILE A 431 -29.14 5.98 -27.26
CA ILE A 431 -30.07 6.82 -28.00
C ILE A 431 -29.28 7.83 -28.82
N PRO A 432 -29.87 8.36 -29.89
CA PRO A 432 -29.26 9.50 -30.58
C PRO A 432 -29.36 10.78 -29.75
N PHE A 433 -28.21 11.43 -29.53
CA PHE A 433 -28.11 12.50 -28.55
C PHE A 433 -27.47 13.74 -29.18
N CYS A 434 -27.99 14.92 -28.82
CA CYS A 434 -27.46 16.19 -29.34
C CYS A 434 -26.24 16.69 -28.57
N GLY A 435 -25.85 16.05 -27.46
CA GLY A 435 -24.68 16.44 -26.71
C GLY A 435 -24.84 17.62 -25.79
N GLU A 436 -25.85 18.47 -26.01
CA GLU A 436 -25.99 19.70 -25.24
C GLU A 436 -26.25 19.41 -23.77
N ILE A 437 -25.59 20.18 -22.90
CA ILE A 437 -25.75 19.99 -21.46
C ILE A 437 -27.19 20.20 -21.02
N ASP A 438 -27.93 21.07 -21.71
CA ASP A 438 -29.35 21.24 -21.42
C ASP A 438 -30.14 20.00 -21.79
N CYS A 439 -29.95 19.48 -23.02
CA CYS A 439 -30.68 18.29 -23.45
C CYS A 439 -30.45 17.14 -22.47
N GLU A 440 -29.22 17.02 -21.96
CA GLU A 440 -28.92 16.00 -20.96
C GLU A 440 -29.72 16.23 -19.68
N ASP A 441 -29.87 17.49 -19.26
CA ASP A 441 -30.57 17.80 -18.03
C ASP A 441 -32.08 17.68 -18.19
N TRP A 442 -32.58 17.90 -19.40
CA TRP A 442 -34.00 17.67 -19.66
C TRP A 442 -34.32 16.19 -19.62
N ILE A 443 -33.50 15.36 -20.29
CA ILE A 443 -33.68 13.91 -20.24
C ILE A 443 -33.69 13.42 -18.80
N LYS A 444 -32.76 13.92 -17.98
CA LYS A 444 -32.63 13.44 -16.61
C LYS A 444 -33.92 13.66 -15.82
N LYS A 445 -34.50 14.85 -15.92
CA LYS A 445 -35.69 15.15 -15.13
C LYS A 445 -36.95 14.57 -15.77
N THR A 446 -37.01 14.52 -17.11
CA THR A 446 -38.15 13.90 -17.79
C THR A 446 -38.21 12.40 -17.50
N THR A 447 -37.07 11.73 -17.39
CA THR A 447 -37.07 10.30 -17.13
C THR A 447 -37.48 9.96 -15.70
N ALA A 448 -37.60 10.95 -14.82
CA ALA A 448 -38.21 10.74 -13.52
C ALA A 448 -39.73 10.88 -13.60
N ARG A 449 -40.19 11.84 -14.39
CA ARG A 449 -41.61 11.98 -14.69
C ARG A 449 -41.89 11.12 -15.91
N MET A 460 -35.78 9.05 -9.53
CA MET A 460 -34.92 8.10 -10.24
C MET A 460 -34.77 8.47 -11.71
N GLY A 461 -34.17 9.64 -11.99
CA GLY A 461 -33.99 10.07 -13.36
C GLY A 461 -32.77 9.43 -14.04
N ALA A 462 -32.72 9.57 -15.35
CA ALA A 462 -31.69 8.93 -16.18
C ALA A 462 -30.58 9.92 -16.52
N LYS A 463 -29.35 9.57 -16.17
CA LYS A 463 -28.19 10.37 -16.55
C LYS A 463 -27.48 9.68 -17.72
N SER A 464 -26.52 10.38 -18.30
CA SER A 464 -25.74 9.78 -19.37
C SER A 464 -24.60 8.96 -18.77
N LEU A 465 -24.37 7.78 -19.34
CA LEU A 465 -23.31 6.90 -18.86
C LEU A 465 -22.01 7.10 -19.64
N CYS A 466 -22.06 6.93 -20.95
CA CYS A 466 -20.89 7.15 -21.80
C CYS A 466 -21.35 7.22 -23.24
N ILE A 467 -20.55 7.90 -24.07
CA ILE A 467 -20.68 7.83 -25.51
C ILE A 467 -19.82 6.68 -26.00
N PRO A 468 -20.39 5.57 -26.47
CA PRO A 468 -19.56 4.39 -26.75
C PRO A 468 -18.62 4.62 -27.92
N PHE A 469 -17.37 4.15 -27.74
CA PHE A 469 -16.40 4.14 -28.83
C PHE A 469 -16.90 3.30 -30.00
N LYS A 470 -17.68 2.27 -29.71
CA LYS A 470 -18.24 1.38 -30.74
C LYS A 470 -19.69 1.13 -30.38
N PRO A 471 -20.58 2.03 -30.75
CA PRO A 471 -22.00 1.85 -30.40
C PRO A 471 -22.59 0.63 -31.07
N LEU A 472 -23.79 0.26 -30.62
CA LEU A 472 -24.48 -0.90 -31.19
C LEU A 472 -24.85 -0.65 -32.65
N CYS A 473 -25.11 0.61 -32.99
CA CYS A 473 -25.80 1.00 -34.21
C CYS A 473 -25.16 2.30 -34.68
N GLU A 474 -24.95 2.43 -35.98
CA GLU A 474 -24.38 3.66 -36.50
C GLU A 474 -25.49 4.69 -36.72
N LEU A 475 -25.17 5.93 -36.40
CA LEU A 475 -26.15 7.02 -36.51
C LEU A 475 -26.48 7.25 -37.98
N GLN A 476 -27.74 7.08 -38.34
CA GLN A 476 -28.18 7.32 -39.70
C GLN A 476 -28.01 8.80 -40.02
N PRO A 477 -27.33 9.14 -41.12
CA PRO A 477 -27.03 10.55 -41.39
C PRO A 477 -28.26 11.44 -41.36
N GLY A 478 -28.11 12.60 -40.72
CA GLY A 478 -29.22 13.51 -40.50
C GLY A 478 -30.27 13.02 -39.54
N ALA A 479 -29.95 12.02 -38.72
CA ALA A 479 -30.84 11.70 -37.62
C ALA A 479 -30.85 12.85 -36.62
N LYS A 480 -32.01 13.11 -36.05
CA LYS A 480 -32.17 14.13 -35.03
C LYS A 480 -31.98 13.51 -33.65
N CYS A 481 -31.48 14.34 -32.72
CA CYS A 481 -31.41 13.98 -31.31
C CYS A 481 -32.79 13.61 -30.82
N VAL A 482 -32.85 12.91 -29.69
CA VAL A 482 -34.14 12.83 -29.01
C VAL A 482 -34.47 14.14 -28.33
N CYS A 483 -33.54 15.09 -28.33
CA CYS A 483 -33.75 16.48 -27.95
C CYS A 483 -34.89 17.12 -28.76
N ASN A 486 -32.30 19.92 -31.91
CA ASN A 486 -30.91 19.79 -32.29
C ASN A 486 -30.67 18.44 -32.95
N PRO A 487 -29.82 18.41 -33.97
CA PRO A 487 -29.45 17.13 -34.59
C PRO A 487 -28.63 16.28 -33.62
N ALA A 488 -28.67 14.98 -33.86
CA ALA A 488 -27.84 14.05 -33.11
C ALA A 488 -26.40 14.10 -33.60
N LYS A 489 -25.46 14.06 -32.67
CA LYS A 489 -24.03 13.99 -33.00
C LYS A 489 -23.43 12.62 -32.79
N TYR A 490 -23.97 11.84 -31.84
CA TYR A 490 -23.42 10.54 -31.51
C TYR A 490 -24.45 9.75 -30.74
N TYR A 491 -24.48 8.43 -30.96
CA TYR A 491 -25.24 7.56 -30.07
C TYR A 491 -24.64 7.60 -28.67
N THR A 492 -25.50 7.77 -27.66
CA THR A 492 -25.04 7.91 -26.29
C THR A 492 -25.75 6.91 -25.38
N LEU A 493 -24.96 6.20 -24.58
CA LEU A 493 -25.49 5.25 -23.60
C LEU A 493 -26.04 5.99 -22.39
N PHE A 494 -27.34 5.82 -22.13
CA PHE A 494 -28.04 6.46 -21.03
C PHE A 494 -28.64 5.40 -20.11
N GLY A 495 -28.86 5.79 -18.86
CA GLY A 495 -29.49 4.90 -17.90
C GLY A 495 -29.44 5.45 -16.50
N ARG A 496 -30.19 4.79 -15.63
CA ARG A 496 -30.08 5.03 -14.20
C ARG A 496 -28.76 4.47 -13.70
N SER A 497 -28.20 5.11 -12.68
CA SER A 497 -26.81 4.88 -12.33
C SER A 497 -26.58 4.94 -10.83
N TYR A 498 -25.53 4.26 -10.40
CA TYR A 498 -25.03 4.37 -9.04
C TYR A 498 -24.16 5.62 -8.93
N GLY B 1 28.30 18.47 -7.32
CA GLY B 1 27.10 17.82 -6.82
C GLY B 1 26.72 18.21 -5.41
N LEU B 2 27.25 17.47 -4.44
CA LEU B 2 26.85 17.62 -3.04
C LEU B 2 27.73 18.68 -2.37
N GLU B 3 27.10 19.76 -1.91
CA GLU B 3 27.86 20.89 -1.40
C GLU B 3 28.16 20.78 0.10
N ALA B 4 27.18 20.38 0.90
CA ALA B 4 27.40 20.25 2.33
C ALA B 4 28.30 19.06 2.64
N LYS B 5 28.81 19.04 3.86
CA LYS B 5 29.64 17.93 4.35
C LYS B 5 29.02 17.34 5.62
N LYS B 6 28.90 16.02 5.63
CA LYS B 6 28.20 15.32 6.73
C LYS B 6 28.87 15.54 8.08
N GLU B 7 30.18 15.77 8.10
CA GLU B 7 30.90 15.86 9.38
C GLU B 7 30.83 17.23 10.01
N GLU B 8 30.49 18.28 9.26
CA GLU B 8 30.32 19.61 9.84
C GLU B 8 28.88 20.11 9.71
N ASN B 9 28.31 20.10 8.51
CA ASN B 9 26.95 20.60 8.30
C ASN B 9 25.92 19.68 8.95
N LEU B 10 25.97 18.40 8.57
CA LEU B 10 24.98 17.37 8.89
C LEU B 10 23.55 17.75 8.51
N ALA B 11 22.98 18.74 9.20
CA ALA B 11 21.60 19.15 8.93
C ALA B 11 21.40 19.45 7.45
N ASP B 12 22.24 20.34 6.90
CA ASP B 12 22.14 20.66 5.49
C ASP B 12 22.65 19.53 4.61
N TRP B 13 23.65 18.77 5.08
CA TRP B 13 24.09 17.60 4.33
C TRP B 13 22.93 16.64 4.09
N TYR B 14 22.09 16.45 5.12
CA TYR B 14 20.96 15.55 4.99
C TYR B 14 19.92 16.09 4.02
N SER B 15 19.61 17.39 4.12
CA SER B 15 18.74 18.03 3.15
C SER B 15 19.28 17.87 1.73
N GLN B 16 20.56 18.17 1.54
CA GLN B 16 21.16 18.08 0.22
C GLN B 16 21.16 16.64 -0.31
N VAL B 17 21.29 15.64 0.56
CA VAL B 17 21.38 14.26 0.07
C VAL B 17 20.00 13.73 -0.35
N ILE B 18 18.98 13.92 0.49
CA ILE B 18 17.67 13.31 0.19
C ILE B 18 17.05 13.95 -1.03
N THR B 19 17.37 15.21 -1.31
CA THR B 19 16.80 15.94 -2.44
C THR B 19 17.56 15.67 -3.73
N LYS B 20 18.89 15.80 -3.68
CA LYS B 20 19.71 15.57 -4.86
C LYS B 20 19.71 14.10 -5.27
N SER B 21 19.38 13.20 -4.35
CA SER B 21 19.14 11.81 -4.70
C SER B 21 17.76 11.61 -5.34
N GLU B 22 16.89 12.61 -5.27
CA GLU B 22 15.52 12.56 -5.80
C GLU B 22 14.62 11.69 -4.93
N MET B 23 15.00 11.48 -3.68
CA MET B 23 14.13 10.77 -2.74
C MET B 23 12.98 11.64 -2.26
N ILE B 24 13.30 12.85 -1.80
CA ILE B 24 12.36 13.70 -1.08
C ILE B 24 12.11 14.97 -1.87
N GLU B 25 10.84 15.35 -1.95
CA GLU B 25 10.45 16.69 -2.35
C GLU B 25 9.73 17.32 -1.15
N TYR B 26 10.01 18.59 -0.91
CA TYR B 26 9.44 19.27 0.24
C TYR B 26 8.02 19.71 -0.04
N HIS B 27 7.20 19.74 1.00
CA HIS B 27 5.81 20.11 0.87
C HIS B 27 5.56 21.38 1.67
N ASP B 28 4.41 22.00 1.40
CA ASP B 28 4.13 23.29 2.01
C ASP B 28 3.52 23.16 3.39
N ILE B 29 3.20 21.94 3.82
CA ILE B 29 2.73 21.67 5.17
C ILE B 29 3.89 21.11 5.97
N SER B 30 4.13 21.68 7.16
CA SER B 30 5.35 21.40 7.92
C SER B 30 5.39 19.95 8.37
N GLY B 31 6.51 19.29 8.09
CA GLY B 31 6.69 17.90 8.48
C GLY B 31 6.05 16.92 7.53
N CYS B 32 5.70 17.36 6.33
CA CYS B 32 5.14 16.51 5.29
C CYS B 32 6.10 16.50 4.12
N TYR B 33 6.40 15.31 3.58
CA TYR B 33 7.40 15.21 2.54
C TYR B 33 6.96 14.21 1.49
N ILE B 34 7.08 14.62 0.23
CA ILE B 34 6.79 13.76 -0.91
C ILE B 34 7.80 12.63 -0.99
N LEU B 35 7.32 11.41 -1.17
CA LEU B 35 8.18 10.27 -1.47
C LEU B 35 8.20 10.09 -2.98
N ARG B 36 9.34 10.38 -3.59
CA ARG B 36 9.50 10.16 -5.01
C ARG B 36 9.92 8.72 -5.26
N PRO B 37 9.74 8.22 -6.51
CA PRO B 37 10.02 6.80 -6.80
C PRO B 37 11.30 6.23 -6.20
N TRP B 38 12.37 7.02 -6.14
CA TRP B 38 13.65 6.51 -5.65
C TRP B 38 13.55 6.15 -4.17
N ALA B 39 13.01 7.06 -3.35
CA ALA B 39 12.76 6.74 -1.94
C ALA B 39 11.74 5.62 -1.82
N TYR B 40 10.59 5.78 -2.48
CA TYR B 40 9.50 4.82 -2.35
C TYR B 40 9.93 3.40 -2.71
N ALA B 41 10.83 3.26 -3.69
CA ALA B 41 11.26 1.93 -4.11
C ALA B 41 11.98 1.18 -2.99
N ILE B 42 12.68 1.90 -2.11
CA ILE B 42 13.27 1.27 -0.93
C ILE B 42 12.18 0.70 -0.04
N TRP B 43 11.27 1.57 0.41
CA TRP B 43 10.10 1.15 1.18
C TRP B 43 9.37 -0.01 0.52
N GLU B 44 9.26 0.02 -0.81
CA GLU B 44 8.71 -1.13 -1.54
C GLU B 44 9.43 -2.42 -1.17
N ALA B 45 10.77 -2.40 -1.21
CA ALA B 45 11.55 -3.60 -0.92
C ALA B 45 11.29 -4.10 0.50
N ILE B 46 11.28 -3.19 1.48
CA ILE B 46 11.05 -3.58 2.87
C ILE B 46 9.68 -4.24 3.00
N LYS B 47 8.67 -3.61 2.41
CA LYS B 47 7.32 -4.20 2.41
C LYS B 47 7.36 -5.61 1.83
N ASP B 48 8.08 -5.82 0.72
CA ASP B 48 8.12 -7.13 0.10
C ASP B 48 8.68 -8.19 1.04
N PHE B 49 9.79 -7.87 1.72
CA PHE B 49 10.43 -8.83 2.61
C PHE B 49 9.57 -9.08 3.84
N PHE B 50 9.24 -8.01 4.58
CA PHE B 50 8.49 -8.16 5.82
C PHE B 50 7.11 -8.76 5.59
N ASP B 51 6.44 -8.38 4.51
CA ASP B 51 5.12 -8.93 4.23
C ASP B 51 5.19 -10.42 4.00
N ALA B 52 6.18 -10.88 3.23
CA ALA B 52 6.39 -12.31 3.05
C ALA B 52 6.53 -13.01 4.39
N GLU B 53 7.35 -12.46 5.28
CA GLU B 53 7.65 -13.14 6.53
C GLU B 53 6.44 -13.24 7.44
N ILE B 54 5.74 -12.13 7.68
CA ILE B 54 4.57 -12.19 8.57
C ILE B 54 3.52 -13.13 8.01
N LYS B 55 3.47 -13.30 6.68
CA LYS B 55 2.58 -14.28 6.10
C LYS B 55 2.98 -15.69 6.51
N LYS B 56 4.28 -16.00 6.46
CA LYS B 56 4.76 -17.29 6.97
C LYS B 56 4.26 -17.54 8.38
N LEU B 57 4.20 -16.49 9.20
CA LEU B 57 3.70 -16.56 10.57
C LEU B 57 2.19 -16.61 10.67
N GLY B 58 1.48 -16.68 9.54
CA GLY B 58 0.04 -16.72 9.58
C GLY B 58 -0.68 -15.40 9.80
N VAL B 59 -0.02 -14.26 9.55
CA VAL B 59 -0.68 -12.97 9.67
C VAL B 59 -1.33 -12.61 8.33
N GLU B 60 -2.47 -11.94 8.41
CA GLU B 60 -3.27 -11.57 7.25
C GLU B 60 -3.30 -10.06 7.09
N ASN B 61 -3.25 -9.58 5.85
CA ASN B 61 -3.32 -8.15 5.57
C ASN B 61 -4.77 -7.72 5.45
N CYS B 62 -5.03 -6.47 5.80
CA CYS B 62 -6.38 -5.89 5.80
C CYS B 62 -6.25 -4.37 5.68
N TYR B 63 -7.39 -3.68 5.77
CA TYR B 63 -7.37 -2.22 5.79
C TYR B 63 -8.53 -1.69 6.61
N PHE B 64 -8.21 -1.04 7.75
CA PHE B 64 -9.15 -0.43 8.67
C PHE B 64 -9.26 1.08 8.43
N PRO B 65 -10.37 1.68 8.88
CA PRO B 65 -10.60 3.12 8.64
C PRO B 65 -9.50 4.03 9.19
N MET B 66 -9.27 5.13 8.48
CA MET B 66 -8.39 6.20 8.98
C MET B 66 -9.09 7.09 9.99
N PHE B 67 -10.41 7.19 9.95
CA PHE B 67 -11.14 8.00 10.91
C PHE B 67 -11.42 7.21 12.19
N VAL B 68 -11.26 7.89 13.33
CA VAL B 68 -11.54 7.33 14.64
C VAL B 68 -12.60 8.18 15.29
N SER B 69 -13.67 7.53 15.76
CA SER B 69 -14.71 8.30 16.43
C SER B 69 -14.18 8.81 17.77
N GLN B 70 -14.74 9.93 18.21
CA GLN B 70 -14.30 10.54 19.46
C GLN B 70 -14.55 9.62 20.64
N SER B 71 -15.71 8.95 20.64
CA SER B 71 -16.01 8.02 21.74
C SER B 71 -15.01 6.86 21.74
N ALA B 72 -14.77 6.26 20.58
CA ALA B 72 -13.84 5.13 20.50
C ALA B 72 -12.44 5.51 20.99
N LEU B 73 -12.03 6.75 20.72
CA LEU B 73 -10.67 7.18 21.03
C LEU B 73 -10.55 7.51 22.52
N GLU B 74 -11.41 8.38 23.02
CA GLU B 74 -11.47 8.68 24.45
C GLU B 74 -12.16 7.61 25.27
N LYS B 75 -12.68 6.55 24.64
CA LYS B 75 -13.35 5.48 25.37
C LYS B 75 -12.57 5.09 26.61
N GLU B 76 -11.34 4.71 26.39
CA GLU B 76 -10.47 4.09 27.35
C GLU B 76 -9.05 4.60 27.12
N LYS B 77 -8.32 4.77 28.21
CA LYS B 77 -7.05 5.43 28.09
C LYS B 77 -6.12 4.41 27.44
N THR B 78 -6.15 4.39 26.10
CA THR B 78 -5.22 3.56 25.38
C THR B 78 -3.95 4.31 25.05
N HIS B 79 -3.72 5.36 25.77
CA HIS B 79 -2.60 6.30 25.80
C HIS B 79 -2.95 7.20 26.98
N VAL B 80 -2.02 7.83 27.62
CA VAL B 80 -2.49 8.92 28.45
C VAL B 80 -2.65 10.12 27.55
N ALA B 81 -3.57 11.00 27.92
CA ALA B 81 -3.78 12.25 27.20
C ALA B 81 -2.75 13.24 27.71
N ASP B 82 -1.82 13.58 26.85
CA ASP B 82 -0.40 13.45 27.11
C ASP B 82 0.15 13.15 25.73
N PHE B 83 -0.49 12.18 25.09
CA PHE B 83 -0.49 12.02 23.64
C PHE B 83 -1.52 12.91 22.95
N ALA B 84 -2.49 13.42 23.70
CA ALA B 84 -3.60 14.21 23.15
C ALA B 84 -3.19 15.29 22.15
N PRO B 85 -2.16 16.12 22.41
CA PRO B 85 -1.85 17.21 21.46
C PRO B 85 -1.43 16.73 20.07
N GLU B 86 -1.13 15.45 19.89
CA GLU B 86 -0.61 14.92 18.63
C GLU B 86 -1.72 14.53 17.65
N VAL B 87 -2.98 14.68 18.02
CA VAL B 87 -4.08 14.10 17.26
C VAL B 87 -4.73 15.19 16.41
N ALA B 88 -4.77 14.97 15.10
CA ALA B 88 -5.41 15.89 14.17
C ALA B 88 -6.90 15.60 14.07
N TRP B 89 -7.72 16.63 14.23
CA TRP B 89 -9.17 16.47 14.26
C TRP B 89 -9.79 17.09 13.02
N VAL B 90 -10.66 16.32 12.36
CA VAL B 90 -11.53 16.85 11.32
C VAL B 90 -12.81 17.32 12.01
N THR B 91 -13.22 18.54 11.71
CA THR B 91 -14.42 19.09 12.30
C THR B 91 -15.49 19.45 11.31
N ARG B 92 -15.22 19.37 10.01
CA ARG B 92 -16.16 19.89 9.03
C ARG B 92 -15.79 19.39 7.64
N SER B 93 -16.80 19.03 6.87
CA SER B 93 -16.69 18.84 5.44
C SER B 93 -17.21 20.09 4.76
N GLY B 94 -16.48 20.55 3.74
CA GLY B 94 -16.76 21.84 3.14
C GLY B 94 -16.93 22.93 4.19
N LYS B 95 -18.07 23.62 4.12
CA LYS B 95 -18.40 24.69 5.07
C LYS B 95 -19.14 24.19 6.31
N THR B 96 -19.47 22.91 6.39
CA THR B 96 -20.48 22.42 7.31
C THR B 96 -19.84 21.61 8.44
N GLU B 97 -20.00 22.11 9.66
CA GLU B 97 -19.43 21.48 10.85
C GLU B 97 -20.07 20.13 11.15
N LEU B 98 -19.23 19.10 11.29
CA LEU B 98 -19.72 17.79 11.65
C LEU B 98 -20.33 17.80 13.06
N ALA B 99 -21.31 16.92 13.28
CA ALA B 99 -21.96 16.85 14.58
C ALA B 99 -20.96 16.49 15.69
N GLU B 100 -20.05 15.56 15.41
CA GLU B 100 -19.00 15.20 16.34
C GLU B 100 -17.69 15.16 15.54
N PRO B 101 -16.62 15.76 16.04
CA PRO B 101 -15.35 15.71 15.31
C PRO B 101 -14.80 14.29 15.28
N ILE B 102 -14.02 14.00 14.25
CA ILE B 102 -13.42 12.68 14.07
C ILE B 102 -11.92 12.85 13.93
N ALA B 103 -11.17 11.86 14.42
CA ALA B 103 -9.73 11.93 14.49
C ALA B 103 -9.10 11.14 13.36
N ILE B 104 -7.88 11.51 12.99
CA ILE B 104 -7.09 10.77 12.02
C ILE B 104 -6.20 9.83 12.79
N ARG B 105 -6.29 8.53 12.48
CA ARG B 105 -5.58 7.52 13.25
C ARG B 105 -4.13 7.93 13.47
N PRO B 106 -3.65 8.00 14.72
CA PRO B 106 -2.21 7.99 14.96
C PRO B 106 -1.69 6.58 15.23
N THR B 107 -2.59 5.63 15.33
CA THR B 107 -2.37 4.21 15.57
C THR B 107 -3.78 3.61 15.50
N SER B 108 -3.93 2.30 15.31
CA SER B 108 -5.26 1.78 14.98
C SER B 108 -5.88 0.91 16.06
N GLU B 109 -5.33 0.92 17.29
CA GLU B 109 -5.88 0.09 18.35
C GLU B 109 -7.36 0.40 18.59
N THR B 110 -7.70 1.69 18.73
CA THR B 110 -9.09 2.09 19.02
C THR B 110 -10.04 1.87 17.85
N VAL B 111 -9.54 1.52 16.67
CA VAL B 111 -10.42 1.27 15.53
C VAL B 111 -10.58 -0.23 15.34
N MET B 112 -9.51 -0.98 15.65
CA MET B 112 -9.50 -2.42 15.37
C MET B 112 -10.07 -3.26 16.50
N TYR B 113 -9.88 -2.84 17.74
CA TYR B 113 -10.23 -3.70 18.88
C TYR B 113 -11.74 -3.80 19.09
N PRO B 114 -12.53 -2.74 18.88
CA PRO B 114 -13.98 -2.95 18.80
C PRO B 114 -14.38 -4.03 17.81
N ALA B 115 -13.61 -4.19 16.73
CA ALA B 115 -13.88 -5.26 15.77
C ALA B 115 -13.47 -6.61 16.32
N TYR B 116 -12.32 -6.69 16.99
CA TYR B 116 -11.88 -7.94 17.59
C TYR B 116 -12.88 -8.43 18.63
N ALA B 117 -13.36 -7.53 19.50
CA ALA B 117 -14.34 -7.90 20.52
C ALA B 117 -15.56 -8.57 19.91
N LYS B 118 -16.06 -8.03 18.79
CA LYS B 118 -17.22 -8.65 18.15
C LYS B 118 -16.85 -9.97 17.45
N TRP B 119 -15.59 -10.11 17.02
CA TRP B 119 -15.19 -11.34 16.33
C TRP B 119 -14.83 -12.48 17.27
N VAL B 120 -14.63 -12.20 18.56
CA VAL B 120 -14.28 -13.23 19.54
C VAL B 120 -15.51 -13.51 20.38
N GLN B 121 -16.05 -14.72 20.26
CA GLN B 121 -17.09 -15.16 21.16
C GLN B 121 -16.85 -16.60 21.59
N SER B 122 -15.72 -17.18 21.21
CA SER B 122 -15.35 -18.53 21.63
C SER B 122 -13.85 -18.72 21.49
N HIS B 123 -13.34 -19.67 22.27
CA HIS B 123 -11.99 -20.23 22.22
C HIS B 123 -11.55 -20.41 20.78
N ARG B 124 -12.43 -20.93 19.93
CA ARG B 124 -12.07 -21.21 18.54
C ARG B 124 -11.63 -19.95 17.80
N ASP B 125 -12.22 -18.79 18.12
CA ASP B 125 -12.04 -17.60 17.30
C ASP B 125 -10.63 -17.01 17.38
N LEU B 126 -9.76 -17.57 18.20
CA LEU B 126 -8.40 -17.09 18.34
C LEU B 126 -7.42 -18.08 17.75
N PRO B 127 -6.23 -17.62 17.33
CA PRO B 127 -5.77 -16.24 17.35
C PRO B 127 -6.29 -15.40 16.18
N ILE B 128 -6.23 -14.08 16.33
CA ILE B 128 -6.44 -13.14 15.24
C ILE B 128 -5.10 -12.50 14.95
N LYS B 129 -4.68 -12.53 13.68
CA LYS B 129 -3.41 -11.93 13.27
C LYS B 129 -3.68 -11.06 12.06
N LEU B 130 -3.85 -9.76 12.30
CA LEU B 130 -4.13 -8.81 11.25
C LEU B 130 -3.04 -7.76 11.16
N ASN B 131 -2.85 -7.25 9.95
CA ASN B 131 -1.84 -6.24 9.69
C ASN B 131 -2.34 -5.35 8.57
N GLN B 132 -2.05 -4.06 8.66
CA GLN B 132 -2.35 -3.15 7.56
C GLN B 132 -1.16 -2.26 7.27
N TRP B 133 -0.89 -2.06 5.99
CA TRP B 133 0.00 -1.01 5.52
C TRP B 133 -0.84 0.25 5.32
N CYS B 134 -0.44 1.34 5.95
CA CYS B 134 -1.27 2.54 5.91
C CYS B 134 -0.46 3.76 6.33
N ASN B 135 -1.07 4.92 6.13
CA ASN B 135 -0.50 6.17 6.57
C ASN B 135 -1.06 6.53 7.93
N VAL B 136 -0.27 7.29 8.70
CA VAL B 136 -0.65 7.66 10.05
C VAL B 136 -0.21 9.11 10.28
N VAL B 137 -0.99 9.84 11.07
CA VAL B 137 -0.75 11.26 11.31
C VAL B 137 -0.55 11.50 12.81
N ARG B 138 0.54 12.19 13.14
CA ARG B 138 0.84 12.61 14.51
C ARG B 138 1.45 14.01 14.45
N TRP B 139 0.81 14.98 15.09
CA TRP B 139 1.29 16.37 15.09
C TRP B 139 2.48 16.45 16.05
N GLU B 140 3.63 16.04 15.54
CA GLU B 140 4.84 15.93 16.36
C GLU B 140 5.31 17.30 16.82
N PHE B 141 5.62 17.39 18.12
CA PHE B 141 6.13 18.63 18.71
C PHE B 141 7.60 18.85 18.37
N LYS B 142 8.39 17.78 18.35
CA LYS B 142 9.82 17.86 18.06
C LYS B 142 10.04 18.42 16.65
N HIS B 143 11.29 18.76 16.38
CA HIS B 143 11.65 19.30 15.07
C HIS B 143 11.41 18.22 14.01
N PRO B 144 10.59 18.48 13.00
CA PRO B 144 10.36 17.45 11.97
C PRO B 144 11.58 17.27 11.09
N GLN B 145 11.85 16.01 10.73
CA GLN B 145 12.98 15.68 9.85
C GLN B 145 12.57 14.62 8.85
N PRO B 146 12.94 14.78 7.57
CA PRO B 146 12.57 13.72 6.63
C PRO B 146 12.99 12.35 7.14
N PHE B 147 11.97 11.52 7.20
CA PHE B 147 11.64 10.12 7.37
C PHE B 147 11.92 9.76 8.81
N LEU B 148 12.62 10.64 9.50
CA LEU B 148 12.92 10.40 10.91
C LEU B 148 11.75 10.68 11.81
N ARG B 149 11.14 11.85 11.59
CA ARG B 149 10.01 12.37 12.37
C ARG B 149 9.18 13.22 11.40
N THR B 150 8.15 12.63 10.84
CA THR B 150 7.31 13.30 9.88
C THR B 150 5.91 13.42 10.46
N ARG B 151 5.17 14.43 10.02
CA ARG B 151 3.80 14.58 10.51
C ARG B 151 2.93 13.44 10.02
N GLU B 152 3.08 13.07 8.76
CA GLU B 152 2.48 11.87 8.21
C GLU B 152 3.61 10.87 7.93
N PHE B 153 3.34 9.58 8.14
CA PHE B 153 4.32 8.59 7.72
C PHE B 153 3.59 7.33 7.27
N LEU B 154 4.36 6.45 6.64
CA LEU B 154 3.89 5.14 6.21
C LEU B 154 4.43 4.09 7.18
N TRP B 155 3.60 3.10 7.48
CA TRP B 155 4.05 2.02 8.34
C TRP B 155 3.25 0.77 8.01
N GLN B 156 3.59 -0.32 8.70
CA GLN B 156 2.69 -1.43 8.93
C GLN B 156 2.43 -1.48 10.41
N GLU B 157 1.21 -1.86 10.80
CA GLU B 157 0.89 -2.17 12.18
C GLU B 157 0.30 -3.57 12.22
N GLY B 158 0.92 -4.45 12.99
CA GLY B 158 0.41 -5.77 13.21
C GLY B 158 -0.19 -5.87 14.60
N HIS B 159 -1.49 -6.16 14.63
CA HIS B 159 -2.22 -6.38 15.88
C HIS B 159 -2.65 -7.83 15.92
N SER B 160 -2.35 -8.53 17.01
CA SER B 160 -2.71 -9.93 17.11
C SER B 160 -3.16 -10.26 18.52
N ALA B 161 -4.10 -11.20 18.62
CA ALA B 161 -4.76 -11.57 19.86
C ALA B 161 -4.69 -13.09 20.01
N PHE B 162 -4.40 -13.54 21.22
CA PHE B 162 -4.21 -14.96 21.48
C PHE B 162 -4.99 -15.39 22.71
N ALA B 163 -5.26 -16.69 22.78
CA ALA B 163 -5.88 -17.26 23.97
C ALA B 163 -4.93 -17.29 25.16
N THR B 164 -3.63 -17.44 24.92
CA THR B 164 -2.65 -17.59 25.99
C THR B 164 -1.47 -16.64 25.81
N MET B 165 -0.80 -16.35 26.92
CA MET B 165 0.37 -15.48 26.89
C MET B 165 1.56 -16.15 26.22
N GLU B 166 1.62 -17.48 26.26
CA GLU B 166 2.77 -18.18 25.67
C GLU B 166 2.84 -17.92 24.17
N GLU B 167 1.71 -18.01 23.48
CA GLU B 167 1.69 -17.68 22.05
C GLU B 167 2.01 -16.20 21.82
N ALA B 168 1.36 -15.32 22.58
CA ALA B 168 1.59 -13.88 22.43
C ALA B 168 3.07 -13.52 22.59
N ALA B 169 3.68 -13.96 23.69
CA ALA B 169 5.07 -13.60 23.97
C ALA B 169 6.01 -14.15 22.92
N GLU B 170 5.72 -15.33 22.38
CA GLU B 170 6.54 -15.88 21.30
C GLU B 170 6.52 -14.97 20.07
N GLU B 171 5.35 -14.45 19.72
CA GLU B 171 5.24 -13.58 18.55
C GLU B 171 6.06 -12.31 18.73
N VAL B 172 5.98 -11.68 19.90
CA VAL B 172 6.64 -10.39 20.12
C VAL B 172 8.11 -10.46 19.74
N LEU B 173 8.80 -11.52 20.16
CA LEU B 173 10.21 -11.65 19.85
C LEU B 173 10.43 -12.05 18.39
N GLN B 174 9.46 -12.75 17.80
CA GLN B 174 9.54 -13.09 16.38
C GLN B 174 9.49 -11.83 15.53
N ILE B 175 8.50 -10.97 15.78
CA ILE B 175 8.36 -9.73 15.04
C ILE B 175 9.59 -8.86 15.24
N LEU B 176 10.04 -8.72 16.49
CA LEU B 176 11.27 -7.99 16.77
C LEU B 176 12.45 -8.56 16.00
N ASP B 177 12.56 -9.89 15.92
CA ASP B 177 13.65 -10.47 15.15
C ASP B 177 13.52 -10.15 13.67
N LEU B 178 12.29 -10.21 13.15
CA LEU B 178 12.02 -9.75 11.79
C LEU B 178 12.47 -8.30 11.61
N TYR B 179 12.02 -7.40 12.50
CA TYR B 179 12.42 -6.00 12.44
C TYR B 179 13.93 -5.85 12.40
N ALA B 180 14.65 -6.64 13.21
CA ALA B 180 16.10 -6.58 13.18
C ALA B 180 16.64 -7.04 11.83
N GLN B 181 15.96 -8.00 11.18
CA GLN B 181 16.38 -8.46 9.87
C GLN B 181 16.23 -7.37 8.81
N VAL B 182 15.13 -6.62 8.86
CA VAL B 182 14.96 -5.48 7.97
C VAL B 182 16.17 -4.55 8.09
N TYR B 183 16.63 -4.34 9.32
CA TYR B 183 17.70 -3.37 9.54
C TYR B 183 19.08 -3.95 9.24
N GLU B 184 19.34 -5.18 9.66
CA GLU B 184 20.70 -5.71 9.56
C GLU B 184 20.96 -6.45 8.25
N GLU B 185 19.99 -7.21 7.75
CA GLU B 185 20.22 -7.95 6.51
C GLU B 185 19.76 -7.20 5.26
N LEU B 186 18.70 -6.40 5.34
CA LEU B 186 18.32 -5.60 4.18
C LEU B 186 19.12 -4.29 4.12
N LEU B 187 19.19 -3.57 5.23
CA LEU B 187 19.77 -2.23 5.24
C LEU B 187 21.18 -2.19 5.79
N ALA B 188 21.75 -3.34 6.17
CA ALA B 188 23.09 -3.43 6.72
C ALA B 188 23.34 -2.37 7.80
N ILE B 189 22.35 -2.17 8.65
CA ILE B 189 22.48 -1.35 9.85
C ILE B 189 22.44 -2.27 11.06
N PRO B 190 23.47 -2.29 11.89
CA PRO B 190 23.43 -3.10 13.11
C PRO B 190 22.54 -2.45 14.15
N VAL B 191 21.77 -3.28 14.86
CA VAL B 191 20.89 -2.80 15.91
C VAL B 191 21.10 -3.66 17.14
N VAL B 192 20.72 -3.13 18.30
CA VAL B 192 20.66 -3.90 19.53
C VAL B 192 19.20 -4.06 19.91
N LYS B 193 18.78 -5.30 20.13
CA LYS B 193 17.46 -5.58 20.65
C LYS B 193 17.43 -5.38 22.15
N GLY B 194 16.26 -5.06 22.66
CA GLY B 194 16.16 -4.77 24.08
C GLY B 194 14.75 -4.36 24.42
N ARG B 195 14.50 -4.27 25.71
CA ARG B 195 13.18 -3.91 26.22
C ARG B 195 13.25 -2.53 26.88
N LYS B 196 12.15 -1.82 26.80
CA LYS B 196 12.11 -0.47 27.32
C LYS B 196 11.90 -0.48 28.83
N THR B 197 12.52 0.47 29.50
CA THR B 197 12.33 0.65 30.93
C THR B 197 10.90 1.09 31.22
N GLU B 198 10.57 1.18 32.50
CA GLU B 198 9.23 1.57 32.90
C GLU B 198 8.85 2.92 32.30
N LYS B 199 9.76 3.89 32.34
CA LYS B 199 9.44 5.23 31.85
C LYS B 199 9.16 5.21 30.36
N GLU B 200 10.08 4.66 29.56
CA GLU B 200 9.97 4.76 28.11
C GLU B 200 9.10 3.68 27.50
N LYS B 201 8.70 2.66 28.25
CA LYS B 201 7.80 1.66 27.71
C LYS B 201 6.41 2.24 27.47
N PHE B 202 5.69 1.62 26.54
CA PHE B 202 4.35 2.06 26.17
C PHE B 202 3.41 1.89 27.36
N ALA B 203 2.75 2.98 27.75
CA ALA B 203 1.88 2.96 28.92
C ALA B 203 0.75 1.95 28.76
N GLY B 204 0.24 1.80 27.54
CA GLY B 204 -0.84 0.88 27.26
C GLY B 204 -0.49 -0.60 27.22
N GLY B 205 0.79 -0.95 27.44
CA GLY B 205 1.24 -2.32 27.31
C GLY B 205 1.76 -2.88 28.63
N ASP B 206 2.18 -4.14 28.57
CA ASP B 206 2.89 -4.74 29.70
C ASP B 206 4.39 -4.54 29.56
N TYR B 207 4.98 -5.02 28.46
CA TYR B 207 6.37 -4.71 28.14
C TYR B 207 6.50 -4.32 26.68
N THR B 208 7.52 -3.50 26.40
CA THR B 208 7.86 -3.06 25.05
C THR B 208 9.24 -3.57 24.69
N THR B 209 9.35 -4.26 23.56
CA THR B 209 10.64 -4.55 22.97
C THR B 209 10.95 -3.53 21.88
N THR B 210 12.18 -3.55 21.38
CA THR B 210 12.61 -2.51 20.45
C THR B 210 13.98 -2.87 19.89
N ILE B 211 14.28 -2.30 18.72
CA ILE B 211 15.62 -2.25 18.17
C ILE B 211 16.05 -0.79 18.14
N GLU B 212 17.27 -0.53 18.62
CA GLU B 212 17.86 0.80 18.60
C GLU B 212 19.08 0.80 17.68
N ALA B 213 19.21 1.87 16.91
CA ALA B 213 20.34 2.08 16.01
C ALA B 213 21.05 3.36 16.40
N PHE B 214 22.32 3.49 15.98
CA PHE B 214 23.12 4.64 16.32
C PHE B 214 23.56 5.39 15.05
N ILE B 215 23.32 6.69 15.04
CA ILE B 215 23.73 7.59 13.97
C ILE B 215 24.93 8.39 14.48
N SER B 216 26.13 7.92 14.15
CA SER B 216 27.37 8.51 14.68
C SER B 216 27.43 10.00 14.39
N ALA B 217 27.30 10.39 13.12
CA ALA B 217 27.37 11.77 12.65
C ALA B 217 26.51 12.68 13.50
N SER B 218 25.48 12.10 14.12
CA SER B 218 24.59 12.83 15.00
C SER B 218 24.97 12.70 16.48
N GLY B 219 25.70 11.66 16.86
CA GLY B 219 25.90 11.34 18.27
C GLY B 219 24.66 10.89 19.01
N ARG B 220 23.55 10.67 18.30
CA ARG B 220 22.30 10.26 18.93
C ARG B 220 21.89 8.88 18.45
N ALA B 221 21.11 8.20 19.28
CA ALA B 221 20.49 6.94 18.91
C ALA B 221 19.08 7.18 18.41
N ILE B 222 18.57 6.20 17.67
CA ILE B 222 17.21 6.27 17.14
C ILE B 222 16.56 4.90 17.27
N GLN B 223 15.26 4.90 17.56
CA GLN B 223 14.50 3.66 17.71
C GLN B 223 13.99 3.22 16.34
N GLY B 224 14.41 2.02 15.91
CA GLY B 224 14.12 1.50 14.59
C GLY B 224 12.83 0.74 14.43
N GLY B 225 12.15 0.41 15.52
CA GLY B 225 11.01 -0.47 15.43
C GLY B 225 10.54 -0.96 16.78
N THR B 226 9.24 -1.26 16.88
CA THR B 226 8.58 -1.44 18.16
C THR B 226 7.68 -2.67 18.12
N SER B 227 7.80 -3.53 19.13
CA SER B 227 6.93 -4.69 19.28
C SER B 227 6.53 -4.80 20.74
N HIS B 228 5.26 -4.51 21.03
CA HIS B 228 4.73 -4.58 22.37
C HIS B 228 4.10 -5.94 22.62
N HIS B 229 4.17 -6.39 23.87
CA HIS B 229 3.17 -7.29 24.42
C HIS B 229 2.16 -6.43 25.16
N LEU B 230 0.91 -6.45 24.71
CA LEU B 230 -0.13 -5.65 25.34
C LEU B 230 -0.72 -6.34 26.56
N GLY B 231 -0.29 -7.57 26.85
CA GLY B 231 -0.88 -8.31 27.95
C GLY B 231 -2.37 -8.42 27.76
N GLN B 232 -3.11 -7.91 28.73
CA GLN B 232 -4.57 -7.88 28.65
C GLN B 232 -5.08 -6.48 28.96
N ASN B 233 -4.28 -5.46 28.65
CA ASN B 233 -4.70 -4.09 28.95
C ASN B 233 -5.80 -3.64 27.99
N PHE B 234 -5.67 -4.00 26.71
CA PHE B 234 -6.69 -3.60 25.73
C PHE B 234 -7.90 -4.52 25.75
N SER B 235 -7.69 -5.83 25.80
CA SER B 235 -8.82 -6.78 25.84
C SER B 235 -9.76 -6.47 27.00
N LYS B 236 -9.23 -5.98 28.12
CA LYS B 236 -10.07 -5.56 29.23
C LYS B 236 -10.84 -4.29 28.88
N MET B 237 -10.19 -3.38 28.16
CA MET B 237 -10.80 -2.09 27.85
C MET B 237 -11.91 -2.23 26.82
N PHE B 238 -11.73 -3.09 25.83
CA PHE B 238 -12.70 -3.26 24.77
C PHE B 238 -13.53 -4.53 24.93
N GLU B 239 -13.37 -5.23 26.06
CA GLU B 239 -14.16 -6.42 26.38
C GLU B 239 -14.04 -7.48 25.29
N ILE B 240 -12.79 -7.76 24.88
CA ILE B 240 -12.50 -8.85 23.95
C ILE B 240 -12.33 -10.10 24.81
N VAL B 241 -13.43 -10.84 24.97
CA VAL B 241 -13.49 -11.94 25.93
C VAL B 241 -13.99 -13.22 25.25
N PHE B 242 -13.46 -14.35 25.69
CA PHE B 242 -13.93 -15.65 25.24
C PHE B 242 -14.27 -16.53 26.43
N GLU B 243 -15.22 -17.44 26.22
CA GLU B 243 -15.69 -18.33 27.27
C GLU B 243 -14.58 -19.28 27.71
N ASP B 244 -14.40 -19.41 29.03
CA ASP B 244 -13.47 -20.39 29.56
C ASP B 244 -13.83 -21.77 29.02
N PRO B 245 -12.88 -22.53 28.49
CA PRO B 245 -13.21 -23.86 27.98
C PRO B 245 -13.59 -24.84 29.08
N LYS B 246 -12.92 -24.80 30.22
CA LYS B 246 -13.19 -25.76 31.29
C LYS B 246 -14.32 -25.33 32.22
N ILE B 247 -14.48 -24.05 32.53
CA ILE B 247 -15.31 -23.64 33.66
C ILE B 247 -16.54 -22.89 33.19
N PRO B 248 -17.73 -23.39 33.49
CA PRO B 248 -18.98 -22.77 33.03
C PRO B 248 -19.14 -21.32 33.47
N GLY B 249 -19.54 -20.48 32.53
CA GLY B 249 -19.98 -19.12 32.80
C GLY B 249 -18.87 -18.12 33.06
N GLU B 250 -17.62 -18.54 32.94
CA GLU B 250 -16.47 -17.70 33.21
C GLU B 250 -15.79 -17.35 31.90
N LYS B 251 -15.46 -16.08 31.72
CA LYS B 251 -14.79 -15.64 30.51
C LYS B 251 -13.31 -15.36 30.80
N GLN B 252 -12.50 -15.42 29.76
CA GLN B 252 -11.10 -15.06 29.85
C GLN B 252 -10.82 -13.94 28.86
N PHE B 253 -9.93 -13.04 29.24
CA PHE B 253 -9.52 -11.94 28.37
C PHE B 253 -8.45 -12.42 27.40
N ALA B 254 -8.46 -11.85 26.20
CA ALA B 254 -7.45 -12.22 25.21
C ALA B 254 -6.11 -11.58 25.55
N TYR B 255 -5.04 -12.24 25.12
CA TYR B 255 -3.68 -11.70 25.19
C TYR B 255 -3.31 -11.09 23.84
N GLN B 256 -2.92 -9.83 23.84
CA GLN B 256 -2.65 -9.12 22.60
C GLN B 256 -1.22 -8.59 22.54
N ASN B 257 -0.70 -8.53 21.31
CA ASN B 257 0.48 -7.77 20.95
C ASN B 257 0.11 -6.76 19.88
N SER B 258 0.93 -5.72 19.75
CA SER B 258 0.89 -4.88 18.57
C SER B 258 2.33 -4.47 18.22
N TRP B 259 2.55 -4.14 16.96
CA TRP B 259 3.90 -3.93 16.48
C TRP B 259 3.88 -3.16 15.17
N GLY B 260 4.85 -2.27 14.99
CA GLY B 260 4.87 -1.37 13.85
C GLY B 260 6.27 -0.97 13.46
N LEU B 261 6.40 -0.57 12.19
CA LEU B 261 7.67 -0.15 11.60
C LEU B 261 7.39 0.81 10.46
N THR B 262 8.19 1.87 10.35
CA THR B 262 7.87 2.98 9.48
C THR B 262 8.98 3.29 8.49
N THR B 263 8.66 4.25 7.62
CA THR B 263 9.59 4.80 6.63
C THR B 263 10.85 5.36 7.27
N ARG B 264 10.82 5.64 8.57
CA ARG B 264 12.00 6.10 9.32
C ARG B 264 13.21 5.26 9.00
N THR B 265 12.97 3.98 8.70
CA THR B 265 14.02 3.09 8.22
C THR B 265 14.88 3.74 7.15
N ILE B 266 14.23 4.38 6.17
CA ILE B 266 14.97 4.95 5.04
C ILE B 266 15.92 6.06 5.52
N GLY B 267 15.45 6.90 6.43
CA GLY B 267 16.32 7.95 6.97
C GLY B 267 17.53 7.39 7.68
N VAL B 268 17.31 6.38 8.54
CA VAL B 268 18.42 5.77 9.26
C VAL B 268 19.44 5.18 8.28
N MET B 269 18.94 4.51 7.24
CA MET B 269 19.82 4.05 6.15
C MET B 269 20.65 5.19 5.61
N THR B 270 20.02 6.35 5.39
CA THR B 270 20.71 7.50 4.83
C THR B 270 21.75 8.05 5.81
N MET B 271 21.41 8.13 7.09
CA MET B 271 22.33 8.71 8.06
C MET B 271 23.53 7.78 8.33
N VAL B 272 23.30 6.47 8.32
CA VAL B 272 24.38 5.54 8.62
C VAL B 272 25.35 5.43 7.44
N HIS B 273 24.82 5.15 6.25
CA HIS B 273 25.68 4.83 5.11
C HIS B 273 25.98 6.04 4.22
N GLY B 274 25.19 7.10 4.29
CA GLY B 274 25.44 8.26 3.44
C GLY B 274 26.82 8.84 3.67
N ASP B 275 27.39 9.37 2.58
CA ASP B 275 28.69 10.03 2.65
C ASP B 275 28.64 11.37 1.94
N ASN B 276 29.79 12.00 1.77
CA ASN B 276 29.86 13.33 1.18
C ASN B 276 29.74 13.33 -0.34
N MET B 277 29.55 12.16 -0.96
CA MET B 277 29.15 12.08 -2.36
C MET B 277 27.66 11.84 -2.51
N GLY B 278 26.93 11.75 -1.41
CA GLY B 278 25.50 11.51 -1.48
C GLY B 278 25.09 10.18 -0.88
N LEU B 279 24.01 9.64 -1.41
CA LEU B 279 23.43 8.40 -0.88
C LEU B 279 24.33 7.20 -1.16
N VAL B 280 24.23 6.18 -0.31
CA VAL B 280 24.88 4.89 -0.53
C VAL B 280 23.85 3.81 -0.21
N LEU B 281 23.45 3.05 -1.22
CA LEU B 281 22.38 2.06 -1.13
C LEU B 281 22.96 0.68 -0.86
N PRO B 282 22.46 -0.04 0.14
CA PRO B 282 22.79 -1.46 0.24
C PRO B 282 22.18 -2.22 -0.92
N PRO B 283 22.96 -3.06 -1.62
CA PRO B 283 22.44 -3.79 -2.78
C PRO B 283 21.14 -4.54 -2.51
N ARG B 284 20.96 -5.06 -1.29
CA ARG B 284 19.77 -5.85 -0.98
C ARG B 284 18.48 -5.10 -1.30
N VAL B 285 18.46 -3.78 -1.08
CA VAL B 285 17.28 -2.97 -1.33
C VAL B 285 17.46 -2.02 -2.50
N ALA B 286 18.58 -2.08 -3.21
CA ALA B 286 18.91 -1.13 -4.27
C ALA B 286 18.17 -1.51 -5.55
N CYS B 287 17.14 -0.74 -5.92
CA CYS B 287 16.34 -1.05 -7.10
C CYS B 287 17.16 -1.04 -8.39
N VAL B 288 18.16 -0.17 -8.48
CA VAL B 288 19.19 -0.25 -9.52
C VAL B 288 20.49 -0.62 -8.82
N GLN B 289 20.93 -1.86 -8.99
CA GLN B 289 22.17 -2.29 -8.35
C GLN B 289 23.38 -1.87 -9.18
N VAL B 290 23.26 -1.94 -10.50
CA VAL B 290 24.35 -1.57 -11.41
C VAL B 290 23.77 -0.67 -12.48
N VAL B 291 24.45 0.46 -12.73
CA VAL B 291 24.11 1.35 -13.83
C VAL B 291 25.22 1.25 -14.86
N ILE B 292 24.84 0.99 -16.11
CA ILE B 292 25.80 0.93 -17.21
C ILE B 292 25.84 2.29 -17.88
N ILE B 293 27.01 2.91 -17.91
CA ILE B 293 27.21 4.20 -18.56
C ILE B 293 28.27 4.04 -19.63
N PRO B 294 28.00 4.45 -20.88
CA PRO B 294 29.02 4.42 -21.94
C PRO B 294 29.83 5.72 -22.02
N CYS B 295 31.15 5.55 -22.20
CA CYS B 295 32.17 6.60 -22.13
C CYS B 295 32.95 6.68 -23.45
N GLY B 296 33.74 7.74 -23.61
CA GLY B 296 34.50 7.92 -24.84
C GLY B 296 33.81 8.29 -26.15
N ILE B 297 33.22 9.49 -26.20
CA ILE B 297 32.76 10.05 -27.47
C ILE B 297 33.58 11.27 -27.94
N SER B 302 33.17 7.54 -35.05
CA SER B 302 32.08 7.96 -35.93
C SER B 302 30.77 7.43 -35.39
N GLU B 303 29.70 7.52 -36.18
CA GLU B 303 28.46 6.87 -35.77
C GLU B 303 28.58 5.36 -35.86
N GLU B 304 29.52 4.86 -36.67
CA GLU B 304 29.84 3.44 -36.65
C GLU B 304 30.40 2.99 -35.30
N ASP B 305 31.11 3.88 -34.61
CA ASP B 305 31.76 3.51 -33.36
C ASP B 305 30.76 3.38 -32.21
N LYS B 306 29.87 4.36 -32.06
CA LYS B 306 28.84 4.27 -31.02
C LYS B 306 27.84 3.17 -31.34
N GLU B 307 27.59 2.92 -32.62
CA GLU B 307 26.87 1.77 -33.13
C GLU B 307 27.24 0.52 -32.35
N ALA B 308 28.54 0.24 -32.23
CA ALA B 308 29.00 -0.97 -31.57
C ALA B 308 29.08 -0.81 -30.05
N LEU B 309 29.37 0.40 -29.56
CA LEU B 309 29.51 0.60 -28.12
C LEU B 309 28.20 0.36 -27.39
N ILE B 310 27.12 1.02 -27.83
CA ILE B 310 25.80 0.79 -27.27
C ILE B 310 25.43 -0.69 -27.34
N ALA B 311 25.67 -1.30 -28.51
CA ALA B 311 25.38 -2.72 -28.70
C ALA B 311 26.01 -3.58 -27.59
N LYS B 312 27.23 -3.25 -27.19
CA LYS B 312 27.87 -4.00 -26.11
C LYS B 312 27.32 -3.62 -24.74
N CYS B 313 26.86 -2.38 -24.56
CA CYS B 313 26.21 -2.01 -23.31
C CYS B 313 24.93 -2.79 -23.10
N ASN B 314 24.02 -2.72 -24.08
CA ASN B 314 22.80 -3.53 -24.00
C ASN B 314 23.11 -5.01 -23.92
N ASP B 315 24.21 -5.44 -24.53
CA ASP B 315 24.69 -6.80 -24.34
C ASP B 315 24.99 -7.07 -22.86
N TYR B 316 25.84 -6.22 -22.26
CA TYR B 316 26.06 -6.28 -20.82
C TYR B 316 24.75 -6.22 -20.05
N ARG B 317 23.75 -5.53 -20.59
CA ARG B 317 22.49 -5.33 -19.88
C ARG B 317 21.67 -6.61 -19.85
N ARG B 318 21.56 -7.31 -20.98
CA ARG B 318 20.78 -8.55 -21.01
C ARG B 318 21.42 -9.63 -20.15
N ARG B 319 22.75 -9.70 -20.13
CA ARG B 319 23.44 -10.71 -19.34
C ARG B 319 23.13 -10.57 -17.86
N LEU B 320 23.06 -9.33 -17.37
CA LEU B 320 22.89 -9.10 -15.94
C LEU B 320 21.46 -9.35 -15.50
N LEU B 321 20.48 -8.89 -16.28
CA LEU B 321 19.10 -9.34 -16.07
C LEU B 321 19.01 -10.85 -16.01
N SER B 322 19.78 -11.53 -16.87
CA SER B 322 19.74 -12.98 -16.95
C SER B 322 20.16 -13.65 -15.64
N VAL B 323 20.87 -12.94 -14.77
CA VAL B 323 21.15 -13.41 -13.42
C VAL B 323 20.35 -12.62 -12.40
N ASN B 324 19.25 -12.00 -12.83
CA ASN B 324 18.37 -11.20 -11.99
C ASN B 324 19.15 -10.27 -11.07
N ILE B 325 20.17 -9.64 -11.62
CA ILE B 325 20.70 -8.40 -11.07
C ILE B 325 19.85 -7.26 -11.62
N ARG B 326 19.46 -6.33 -10.75
CA ARG B 326 18.72 -5.18 -11.22
C ARG B 326 19.71 -4.21 -11.83
N VAL B 327 19.63 -4.02 -13.15
CA VAL B 327 20.62 -3.25 -13.90
C VAL B 327 19.90 -2.26 -14.79
N ARG B 328 20.51 -1.09 -14.96
CA ARG B 328 19.97 -0.03 -15.79
C ARG B 328 21.07 0.50 -16.69
N ALA B 329 20.82 0.49 -18.00
CA ALA B 329 21.73 1.11 -18.95
C ALA B 329 21.26 2.53 -19.20
N ASP B 330 22.10 3.50 -18.84
CA ASP B 330 21.78 4.91 -19.09
C ASP B 330 22.43 5.32 -20.42
N LEU B 331 21.74 4.96 -21.50
CA LEU B 331 22.21 5.25 -22.85
C LEU B 331 21.74 6.59 -23.36
N ARG B 332 21.28 7.47 -22.46
CA ARG B 332 20.73 8.74 -22.89
C ARG B 332 21.78 9.59 -23.59
N ASP B 333 21.41 10.16 -24.73
CA ASP B 333 22.34 10.93 -25.53
C ASP B 333 22.53 12.33 -24.96
N ASN B 334 21.51 12.88 -24.31
CA ASN B 334 21.54 14.27 -23.90
C ASN B 334 22.36 14.53 -22.64
N TYR B 335 23.14 13.55 -22.17
CA TYR B 335 23.87 13.72 -20.93
C TYR B 335 25.30 13.23 -21.08
N SER B 336 26.24 14.07 -20.64
CA SER B 336 27.64 13.68 -20.63
C SER B 336 27.86 12.59 -19.58
N PRO B 337 28.67 11.58 -19.89
CA PRO B 337 29.00 10.57 -18.87
C PRO B 337 29.35 11.14 -17.51
N GLY B 338 30.10 12.24 -17.46
CA GLY B 338 30.39 12.87 -16.18
C GLY B 338 29.14 13.27 -15.41
N TRP B 339 28.16 13.85 -16.10
CA TRP B 339 26.87 14.11 -15.46
C TRP B 339 26.26 12.82 -14.93
N LYS B 340 26.38 11.74 -15.70
CA LYS B 340 25.76 10.47 -15.29
C LYS B 340 26.50 9.86 -14.12
N PHE B 341 27.84 9.92 -14.13
CA PHE B 341 28.63 9.49 -12.98
C PHE B 341 28.13 10.14 -11.70
N ASN B 342 28.16 11.47 -11.68
CA ASN B 342 27.68 12.22 -10.52
C ASN B 342 26.22 11.92 -10.25
N HIS B 343 25.42 11.69 -11.30
CA HIS B 343 23.99 11.51 -11.10
C HIS B 343 23.70 10.21 -10.35
N TRP B 344 24.23 9.08 -10.85
CA TRP B 344 23.95 7.83 -10.17
C TRP B 344 24.76 7.67 -8.88
N GLU B 345 25.88 8.38 -8.76
CA GLU B 345 26.60 8.42 -7.49
C GLU B 345 25.74 9.04 -6.39
N LEU B 346 25.10 10.17 -6.69
CA LEU B 346 24.26 10.82 -5.68
C LEU B 346 23.08 9.94 -5.29
N LYS B 347 22.52 9.22 -6.25
CA LYS B 347 21.48 8.23 -5.93
C LYS B 347 22.06 7.05 -5.17
N GLY B 348 23.36 6.79 -5.30
CA GLY B 348 24.00 5.72 -4.56
C GLY B 348 23.83 4.35 -5.14
N VAL B 349 23.85 4.22 -6.46
CA VAL B 349 23.80 2.93 -7.13
C VAL B 349 25.05 2.14 -6.76
N PRO B 350 24.90 0.97 -6.11
CA PRO B 350 26.07 0.19 -5.64
C PRO B 350 27.26 0.13 -6.60
N ILE B 351 27.03 -0.19 -7.88
CA ILE B 351 28.11 -0.41 -8.82
C ILE B 351 27.87 0.43 -10.08
N ARG B 352 28.92 1.12 -10.53
CA ARG B 352 28.95 1.81 -11.82
C ARG B 352 29.69 0.94 -12.84
N LEU B 353 28.99 0.50 -13.87
CA LEU B 353 29.62 -0.20 -14.99
C LEU B 353 29.97 0.83 -16.07
N GLU B 354 31.26 1.07 -16.26
CA GLU B 354 31.77 1.96 -17.30
C GLU B 354 32.19 1.15 -18.52
N VAL B 355 31.80 1.63 -19.70
CA VAL B 355 32.19 1.00 -20.96
C VAL B 355 32.65 2.10 -21.91
N GLY B 356 33.94 2.06 -22.28
CA GLY B 356 34.47 2.96 -23.27
C GLY B 356 34.92 2.22 -24.51
N PRO B 357 35.30 2.96 -25.55
CA PRO B 357 35.82 2.29 -26.75
C PRO B 357 37.13 1.57 -26.46
N ARG B 358 37.97 2.16 -25.60
CA ARG B 358 39.24 1.57 -25.22
C ARG B 358 39.08 0.11 -24.81
N ASP B 359 38.09 -0.17 -23.96
CA ASP B 359 37.97 -1.47 -23.33
C ASP B 359 36.88 -2.35 -23.91
N MET B 360 36.00 -1.81 -24.74
CA MET B 360 35.12 -2.66 -25.52
C MET B 360 35.92 -3.47 -26.53
N LYS B 361 36.85 -2.82 -27.23
CA LYS B 361 37.82 -3.53 -28.04
C LYS B 361 38.78 -4.36 -27.20
N SER B 362 38.97 -4.00 -25.93
CA SER B 362 39.74 -4.83 -25.01
C SER B 362 38.96 -6.04 -24.51
N CYS B 363 37.66 -6.12 -24.79
CA CYS B 363 36.81 -7.19 -24.29
C CYS B 363 36.77 -7.19 -22.76
N GLN B 364 36.65 -5.99 -22.19
CA GLN B 364 36.66 -5.81 -20.74
C GLN B 364 35.92 -4.52 -20.41
N PHE B 365 35.67 -4.31 -19.12
CA PHE B 365 35.04 -3.09 -18.65
C PHE B 365 35.63 -2.71 -17.29
N VAL B 366 35.09 -1.64 -16.71
CA VAL B 366 35.46 -1.19 -15.37
C VAL B 366 34.21 -1.19 -14.51
N ALA B 367 34.36 -1.65 -13.27
CA ALA B 367 33.31 -1.57 -12.26
C ALA B 367 33.79 -0.65 -11.14
N VAL B 368 32.92 0.25 -10.69
CA VAL B 368 33.24 1.23 -9.65
C VAL B 368 32.22 1.03 -8.54
N ARG B 369 32.68 0.56 -7.38
CA ARG B 369 31.77 0.33 -6.27
C ARG B 369 31.58 1.62 -5.49
N ARG B 370 30.31 1.95 -5.24
CA ARG B 370 29.94 3.22 -4.64
C ARG B 370 30.45 3.36 -3.20
N ASP B 371 30.69 2.25 -2.51
CA ASP B 371 31.08 2.31 -1.10
C ASP B 371 32.52 2.79 -0.94
N THR B 372 33.46 2.10 -1.58
CA THR B 372 34.87 2.38 -1.44
C THR B 372 35.41 3.34 -2.49
N GLY B 373 34.68 3.52 -3.59
CA GLY B 373 35.19 4.21 -4.76
C GLY B 373 36.11 3.34 -5.60
N GLU B 374 36.29 2.08 -5.23
CA GLU B 374 37.26 1.19 -5.84
C GLU B 374 36.90 0.87 -7.28
N LYS B 375 37.79 1.22 -8.22
CA LYS B 375 37.66 0.87 -9.62
C LYS B 375 38.39 -0.43 -9.91
N LEU B 376 37.73 -1.37 -10.57
CA LEU B 376 38.28 -2.67 -10.91
C LEU B 376 38.12 -2.91 -12.40
N THR B 377 39.20 -3.34 -13.06
CA THR B 377 39.14 -3.67 -14.48
C THR B 377 38.71 -5.14 -14.61
N VAL B 378 37.62 -5.38 -15.33
CA VAL B 378 36.97 -6.67 -15.33
C VAL B 378 36.92 -7.22 -16.75
N ALA B 379 37.33 -8.48 -16.91
CA ALA B 379 37.17 -9.16 -18.19
C ALA B 379 35.70 -9.37 -18.50
N GLU B 380 35.32 -9.19 -19.77
CA GLU B 380 33.90 -9.22 -20.12
C GLU B 380 33.27 -10.57 -19.81
N ASN B 381 34.02 -11.65 -20.00
CA ASN B 381 33.47 -13.00 -19.84
C ASN B 381 32.97 -13.23 -18.42
N GLU B 382 33.64 -12.63 -17.44
CA GLU B 382 33.37 -12.84 -16.01
C GLU B 382 32.37 -11.84 -15.44
N ALA B 383 31.49 -11.29 -16.28
CA ALA B 383 30.62 -10.20 -15.85
C ALA B 383 29.53 -10.68 -14.90
N GLU B 384 28.85 -11.79 -15.25
CA GLU B 384 27.82 -12.32 -14.36
C GLU B 384 28.39 -12.60 -12.97
N THR B 385 29.47 -13.38 -12.92
CA THR B 385 30.08 -13.77 -11.66
C THR B 385 30.61 -12.55 -10.91
N LYS B 386 31.52 -11.80 -11.53
CA LYS B 386 32.31 -10.87 -10.74
C LYS B 386 31.44 -9.78 -10.13
N LEU B 387 30.44 -9.30 -10.87
CA LEU B 387 29.67 -8.14 -10.39
C LEU B 387 28.76 -8.53 -9.24
N GLN B 388 28.31 -9.79 -9.19
CA GLN B 388 27.52 -10.24 -8.05
C GLN B 388 28.42 -10.49 -6.85
N ALA B 389 29.61 -11.04 -7.06
CA ALA B 389 30.59 -11.13 -5.98
C ALA B 389 30.90 -9.74 -5.41
N ILE B 390 31.00 -8.73 -6.27
CA ILE B 390 31.17 -7.37 -5.77
C ILE B 390 29.92 -6.91 -5.02
N LEU B 391 28.73 -7.13 -5.61
CA LEU B 391 27.48 -6.72 -4.96
C LEU B 391 27.42 -7.22 -3.52
N GLU B 392 27.77 -8.49 -3.30
CA GLU B 392 27.65 -9.06 -1.95
C GLU B 392 28.73 -8.51 -1.02
N ASP B 393 29.95 -8.34 -1.52
CA ASP B 393 31.01 -7.73 -0.71
C ASP B 393 30.59 -6.34 -0.25
N ILE B 394 30.04 -5.54 -1.18
CA ILE B 394 29.54 -4.21 -0.83
C ILE B 394 28.60 -4.29 0.37
N GLN B 395 27.64 -5.22 0.33
CA GLN B 395 26.64 -5.32 1.38
C GLN B 395 27.28 -5.60 2.73
N VAL B 396 28.15 -6.63 2.80
CA VAL B 396 28.78 -6.96 4.07
C VAL B 396 29.85 -5.92 4.44
N THR B 397 30.40 -5.21 3.45
CA THR B 397 31.34 -4.13 3.77
C THR B 397 30.63 -2.97 4.45
N LEU B 398 29.43 -2.61 3.96
CA LEU B 398 28.65 -1.57 4.62
C LEU B 398 28.30 -1.97 6.05
N PHE B 399 27.87 -3.22 6.23
CA PHE B 399 27.46 -3.64 7.58
C PHE B 399 28.65 -3.78 8.50
N THR B 400 29.80 -4.26 7.99
CA THR B 400 30.98 -4.38 8.83
C THR B 400 31.39 -3.02 9.39
N ARG B 401 31.48 -2.01 8.52
CA ARG B 401 31.88 -0.68 8.98
C ARG B 401 30.83 -0.08 9.91
N ALA B 402 29.54 -0.21 9.58
CA ALA B 402 28.51 0.30 10.47
C ALA B 402 28.49 -0.46 11.80
N SER B 403 28.73 -1.77 11.75
CA SER B 403 28.87 -2.55 12.98
C SER B 403 30.02 -2.04 13.83
N GLU B 404 31.22 -1.97 13.24
CA GLU B 404 32.38 -1.55 14.01
C GLU B 404 32.32 -0.08 14.40
N ASP B 405 31.55 0.73 13.67
CA ASP B 405 31.24 2.07 14.16
C ASP B 405 30.38 2.00 15.41
N LEU B 406 29.41 1.08 15.44
CA LEU B 406 28.57 0.90 16.62
C LEU B 406 29.37 0.28 17.76
N LYS B 407 30.28 -0.64 17.44
CA LYS B 407 31.26 -1.13 18.42
C LYS B 407 31.93 0.04 19.14
N THR B 408 32.41 1.01 18.37
CA THR B 408 33.21 2.10 18.92
C THR B 408 32.41 2.97 19.88
N HIS B 409 31.14 3.23 19.58
CA HIS B 409 30.39 4.29 20.24
C HIS B 409 29.42 3.79 21.29
N MET B 410 29.42 2.49 21.60
CA MET B 410 28.60 1.92 22.68
C MET B 410 29.53 1.22 23.65
N VAL B 411 29.71 1.80 24.84
CA VAL B 411 30.71 1.35 25.80
C VAL B 411 30.08 1.32 27.19
N VAL B 412 30.75 0.64 28.12
CA VAL B 412 30.25 0.45 29.48
C VAL B 412 30.83 1.53 30.40
N ALA B 413 29.96 2.17 31.17
CA ALA B 413 30.33 3.03 32.27
C ALA B 413 29.57 2.61 33.51
N ASN B 414 30.23 2.65 34.67
CA ASN B 414 29.61 2.24 35.92
C ASN B 414 29.43 3.39 36.88
N THR B 415 30.05 4.54 36.64
CA THR B 415 29.89 5.72 37.46
C THR B 415 29.23 6.82 36.65
N MET B 416 28.34 7.57 37.31
CA MET B 416 27.75 8.75 36.66
C MET B 416 28.82 9.74 36.22
N GLU B 417 29.99 9.71 36.87
CA GLU B 417 31.10 10.55 36.44
C GLU B 417 31.61 10.14 35.06
N ASP B 418 31.97 8.86 34.90
CA ASP B 418 32.36 8.37 33.58
C ASP B 418 31.22 8.44 32.59
N PHE B 419 30.00 8.09 33.04
CA PHE B 419 28.82 8.13 32.18
C PHE B 419 28.69 9.46 31.46
N GLN B 420 28.75 10.57 32.22
CA GLN B 420 28.71 11.89 31.60
C GLN B 420 29.91 12.13 30.69
N LYS B 421 31.08 11.58 31.03
CA LYS B 421 32.28 11.82 30.23
C LYS B 421 32.12 11.24 28.83
N ILE B 422 31.79 9.95 28.74
CA ILE B 422 31.70 9.30 27.43
C ILE B 422 30.51 9.84 26.64
N LEU B 423 29.40 10.11 27.33
CA LEU B 423 28.21 10.63 26.67
C LEU B 423 28.50 11.95 25.96
N ASP B 424 29.39 12.77 26.51
CA ASP B 424 29.72 14.04 25.88
C ASP B 424 30.81 13.91 24.83
N SER B 425 31.43 12.73 24.70
CA SER B 425 32.29 12.42 23.57
C SER B 425 31.52 12.12 22.29
N GLY B 426 30.19 12.11 22.35
CA GLY B 426 29.37 11.72 21.23
C GLY B 426 29.16 10.22 21.14
N LYS B 427 28.94 9.57 22.28
CA LYS B 427 28.81 8.12 22.34
C LYS B 427 27.60 7.75 23.20
N ILE B 428 27.16 6.50 23.06
CA ILE B 428 26.11 5.93 23.88
C ILE B 428 26.74 4.87 24.78
N VAL B 429 26.08 4.59 25.90
CA VAL B 429 26.76 3.88 26.99
C VAL B 429 25.77 3.04 27.77
N GLN B 430 26.17 1.79 28.06
CA GLN B 430 25.40 0.89 28.91
C GLN B 430 25.86 1.06 30.36
N ILE B 431 24.94 1.50 31.21
CA ILE B 431 25.26 1.80 32.61
C ILE B 431 24.41 0.96 33.54
N PRO B 432 24.89 0.62 34.74
CA PRO B 432 24.04 -0.09 35.71
C PRO B 432 22.93 0.82 36.22
N PHE B 433 21.69 0.39 36.04
CA PHE B 433 20.52 1.24 36.25
C PHE B 433 19.54 0.58 37.21
N CYS B 434 19.04 1.37 38.16
CA CYS B 434 18.03 0.87 39.09
C CYS B 434 16.63 0.83 38.50
N GLY B 435 16.40 1.50 37.38
CA GLY B 435 15.15 1.38 36.67
C GLY B 435 14.02 2.28 37.13
N GLU B 436 14.18 2.95 38.27
CA GLU B 436 13.11 3.80 38.79
C GLU B 436 12.96 5.05 37.92
N ILE B 437 11.71 5.50 37.81
CA ILE B 437 11.40 6.63 36.94
C ILE B 437 12.07 7.90 37.44
N ASP B 438 12.16 8.06 38.76
CA ASP B 438 12.83 9.24 39.32
C ASP B 438 14.31 9.24 38.98
N CYS B 439 14.97 8.09 39.08
CA CYS B 439 16.37 8.03 38.66
C CYS B 439 16.53 8.36 37.19
N GLU B 440 15.62 7.86 36.35
CA GLU B 440 15.70 8.13 34.92
C GLU B 440 15.55 9.62 34.64
N ASP B 441 14.68 10.30 35.39
CA ASP B 441 14.53 11.75 35.26
C ASP B 441 15.83 12.45 35.63
N TRP B 442 16.41 12.08 36.78
CA TRP B 442 17.66 12.71 37.20
C TRP B 442 18.78 12.44 36.22
N ILE B 443 18.87 11.21 35.69
CA ILE B 443 19.84 10.92 34.64
C ILE B 443 19.60 11.83 33.44
N LYS B 444 18.34 12.12 33.12
CA LYS B 444 18.03 12.99 31.99
C LYS B 444 18.50 14.42 32.25
N LYS B 445 18.18 14.96 33.44
CA LYS B 445 18.46 16.37 33.70
C LYS B 445 19.93 16.61 34.02
N THR B 446 20.60 15.68 34.70
CA THR B 446 22.01 15.87 35.01
C THR B 446 22.86 15.85 33.74
N THR B 447 22.52 14.97 32.79
CA THR B 447 23.17 15.02 31.50
C THR B 447 22.77 16.25 30.71
N ALA B 448 21.67 16.89 31.07
CA ALA B 448 21.23 18.13 30.43
C ALA B 448 21.98 19.31 31.03
N MET B 460 19.32 18.66 25.31
CA MET B 460 20.52 17.84 25.23
C MET B 460 20.57 16.78 26.32
N GLY B 461 19.42 16.52 26.96
CA GLY B 461 19.36 15.48 27.96
C GLY B 461 19.57 14.10 27.39
N ALA B 462 19.97 13.16 28.25
CA ALA B 462 20.12 11.77 27.87
C ALA B 462 18.89 10.98 28.31
N LYS B 463 18.31 10.23 27.38
CA LYS B 463 17.18 9.36 27.63
C LYS B 463 17.65 7.91 27.60
N SER B 464 16.85 7.02 28.19
CA SER B 464 17.16 5.60 28.10
C SER B 464 16.69 5.06 26.76
N LEU B 465 17.48 4.14 26.19
CA LEU B 465 17.16 3.59 24.88
C LEU B 465 16.49 2.23 24.98
N CYS B 466 17.14 1.28 25.65
CA CYS B 466 16.57 -0.04 25.90
C CYS B 466 17.38 -0.69 27.01
N ILE B 467 16.88 -1.83 27.48
CA ILE B 467 17.68 -2.76 28.28
C ILE B 467 18.14 -3.88 27.34
N PRO B 468 19.41 -3.92 26.96
CA PRO B 468 19.87 -4.92 25.97
C PRO B 468 19.60 -6.35 26.40
N PHE B 469 19.03 -7.14 25.48
CA PHE B 469 18.87 -8.57 25.71
C PHE B 469 20.21 -9.24 26.01
N LYS B 470 21.27 -8.78 25.32
CA LYS B 470 22.63 -9.27 25.54
C LYS B 470 23.53 -8.07 25.75
N PRO B 471 23.64 -7.58 26.98
CA PRO B 471 24.48 -6.41 27.24
C PRO B 471 25.97 -6.73 27.10
N LEU B 472 26.77 -5.67 27.17
CA LEU B 472 28.20 -5.80 26.92
C LEU B 472 28.89 -6.60 28.02
N CYS B 473 28.60 -6.27 29.28
CA CYS B 473 29.19 -6.94 30.43
C CYS B 473 28.07 -7.43 31.34
N GLU B 474 28.34 -8.49 32.08
CA GLU B 474 27.40 -8.94 33.10
C GLU B 474 27.54 -8.09 34.35
N LEU B 475 26.41 -7.77 34.97
CA LEU B 475 26.42 -7.00 36.22
C LEU B 475 27.21 -7.74 37.29
N GLN B 476 28.27 -7.11 37.78
CA GLN B 476 29.04 -7.74 38.85
C GLN B 476 28.21 -7.75 40.14
N PRO B 477 28.24 -8.85 40.89
CA PRO B 477 27.24 -9.05 41.93
C PRO B 477 27.22 -7.94 42.96
N GLY B 478 26.01 -7.44 43.23
CA GLY B 478 25.80 -6.36 44.17
C GLY B 478 26.16 -4.99 43.65
N ALA B 479 26.34 -4.83 42.35
CA ALA B 479 26.64 -3.52 41.80
C ALA B 479 25.43 -2.61 41.92
N LYS B 480 25.66 -1.38 42.36
CA LYS B 480 24.63 -0.38 42.54
C LYS B 480 24.46 0.44 41.27
N CYS B 481 23.30 1.09 41.19
CA CYS B 481 22.95 1.97 40.09
C CYS B 481 23.88 3.17 40.09
N VAL B 482 23.81 4.00 39.05
CA VAL B 482 24.69 5.16 39.07
C VAL B 482 24.16 6.26 39.96
N CYS B 483 22.90 6.16 40.44
CA CYS B 483 22.41 7.17 41.36
C CYS B 483 23.07 7.05 42.73
N GLY B 484 22.89 5.91 43.39
CA GLY B 484 23.57 5.65 44.65
C GLY B 484 22.62 5.12 45.72
N LYS B 485 21.32 5.43 45.59
CA LYS B 485 20.37 5.01 46.63
C LYS B 485 19.94 3.57 46.41
N ASN B 486 19.94 3.09 45.18
CA ASN B 486 19.31 1.82 44.92
C ASN B 486 20.27 0.92 44.18
N PRO B 487 20.13 -0.39 44.33
CA PRO B 487 21.04 -1.29 43.62
C PRO B 487 20.66 -1.41 42.16
N ALA B 488 21.66 -1.71 41.35
CA ALA B 488 21.41 -1.93 39.93
C ALA B 488 20.59 -3.20 39.74
N LYS B 489 19.60 -3.12 38.85
CA LYS B 489 18.83 -4.29 38.47
C LYS B 489 19.22 -4.81 37.10
N TYR B 490 19.66 -3.94 36.21
CA TYR B 490 19.97 -4.32 34.85
C TYR B 490 20.85 -3.26 34.21
N TYR B 491 21.73 -3.69 33.31
CA TYR B 491 22.44 -2.75 32.46
C TYR B 491 21.45 -2.09 31.50
N THR B 492 21.62 -0.78 31.30
CA THR B 492 20.71 -0.04 30.43
C THR B 492 21.49 0.81 29.45
N LEU B 493 21.17 0.65 28.17
CA LEU B 493 21.73 1.49 27.11
C LEU B 493 21.13 2.89 27.22
N PHE B 494 21.97 3.89 27.51
CA PHE B 494 21.55 5.28 27.59
C PHE B 494 22.19 6.08 26.47
N GLY B 495 21.55 7.20 26.14
CA GLY B 495 22.17 8.14 25.22
C GLY B 495 21.22 9.28 24.90
N ARG B 496 21.70 10.18 24.05
CA ARG B 496 20.86 11.20 23.45
C ARG B 496 20.15 10.59 22.24
N SER B 497 18.89 10.95 22.05
CA SER B 497 18.06 10.23 21.10
C SER B 497 17.16 11.18 20.33
N TYR B 498 16.63 10.68 19.22
CA TYR B 498 15.66 11.41 18.40
C TYR B 498 14.26 11.27 18.99
#